data_1VTT
# 
_entry.id   1VTT 
# 
_audit_conform.dict_name       mmcif_pdbx.dic 
_audit_conform.dict_version    5.383 
_audit_conform.dict_location   http://mmcif.pdb.org/dictionaries/ascii/mmcif_pdbx.dic 
# 
loop_
_database_2.database_id 
_database_2.database_code 
_database_2.pdbx_database_accession 
_database_2.pdbx_DOI 
PDB   1VTT         pdb_00001vtt 10.2210/pdb1vtt/pdb 
NDB   ZDF013       ?            ?                   
RCSB  RCSB003050   ?            ?                   
WWPDB D_1000003050 ?            ?                   
# 
loop_
_pdbx_audit_revision_history.ordinal 
_pdbx_audit_revision_history.data_content_type 
_pdbx_audit_revision_history.major_revision 
_pdbx_audit_revision_history.minor_revision 
_pdbx_audit_revision_history.revision_date 
1 'Structure model' 1 0 2011-07-13 
2 'Structure model' 1 1 2023-12-27 
# 
_pdbx_audit_revision_details.ordinal             1 
_pdbx_audit_revision_details.revision_ordinal    1 
_pdbx_audit_revision_details.data_content_type   'Structure model' 
_pdbx_audit_revision_details.provider            repository 
_pdbx_audit_revision_details.type                'Initial release' 
_pdbx_audit_revision_details.description         ? 
_pdbx_audit_revision_details.details             ? 
# 
loop_
_pdbx_audit_revision_group.ordinal 
_pdbx_audit_revision_group.revision_ordinal 
_pdbx_audit_revision_group.data_content_type 
_pdbx_audit_revision_group.group 
1 2 'Structure model' 'Data collection'     
2 2 'Structure model' 'Database references' 
# 
loop_
_pdbx_audit_revision_category.ordinal 
_pdbx_audit_revision_category.revision_ordinal 
_pdbx_audit_revision_category.data_content_type 
_pdbx_audit_revision_category.category 
1 2 'Structure model' chem_comp_atom 
2 2 'Structure model' chem_comp_bond 
3 2 'Structure model' database_2     
# 
loop_
_pdbx_audit_revision_item.ordinal 
_pdbx_audit_revision_item.revision_ordinal 
_pdbx_audit_revision_item.data_content_type 
_pdbx_audit_revision_item.item 
1 2 'Structure model' '_database_2.pdbx_DOI'                
2 2 'Structure model' '_database_2.pdbx_database_accession' 
# 
_pdbx_database_status.status_code                     REL 
_pdbx_database_status.entry_id                        1VTT 
_pdbx_database_status.recvd_initial_deposition_date   1988-08-18 
_pdbx_database_status.deposit_site                    RCSB 
_pdbx_database_status.process_site                    RCSB 
_pdbx_database_status.SG_entry                        . 
_pdbx_database_status.status_code_sf                  ? 
_pdbx_database_status.status_code_mr                  ? 
_pdbx_database_status.status_code_cs                  ? 
_pdbx_database_status.pdb_format_compatible           Y 
_pdbx_database_status.status_code_nmr_data            ? 
_pdbx_database_status.methods_development_category    ? 
# 
loop_
_audit_author.name 
_audit_author.pdbx_ordinal 
'Ho, P.S.'            1 
'Frederick, C.A.'     2 
'Quigley, G.J.'       3 
'Van Der Marel, G.A.' 4 
'Van Boom, J.H.'      5 
'Wang, A.H.-J.'       6 
'Rich, A.'            7 
# 
_citation.id                        primary 
_citation.title                     
'GT Wobble Base-Pairing in Z-DNA at 1.0 Angstrom Atomic Resolution: The Crystal Structure of d(CGCGTG)' 
_citation.journal_abbrev            'Embo J.' 
_citation.journal_volume            4 
_citation.page_first                3617 
_citation.page_last                 3623 
_citation.year                      1985 
_citation.journal_id_ASTM           EMJODG 
_citation.country                   UK 
_citation.journal_id_ISSN           0261-4189 
_citation.journal_id_CSD            0897 
_citation.book_publisher            ? 
_citation.pdbx_database_id_PubMed   4092690 
_citation.pdbx_database_id_DOI      ? 
# 
loop_
_citation_author.citation_id 
_citation_author.name 
_citation_author.ordinal 
_citation_author.identifier_ORCID 
primary 'Ho, P.S.'            1 ? 
primary 'Frederick, C.A.'     2 ? 
primary 'Quigley, G.J.'       3 ? 
primary 'Van Der Marel, G.A.' 4 ? 
primary 'Van Boom, J.H.'      5 ? 
primary 'Wang, A.H.-J.'       6 ? 
primary 'Rich, A.'            7 ? 
# 
_entity.id                         1 
_entity.type                       polymer 
_entity.src_method                 syn 
_entity.pdbx_description           
;DNA (5'-D(*CP*GP*CP*GP*TP*G)-3')
;
_entity.formula_weight             1825.216 
_entity.pdbx_number_of_molecules   2 
_entity.pdbx_ec                    ? 
_entity.pdbx_mutation              ? 
_entity.pdbx_fragment              ? 
_entity.details                    ? 
# 
_entity_poly.entity_id                      1 
_entity_poly.type                           polydeoxyribonucleotide 
_entity_poly.nstd_linkage                   no 
_entity_poly.nstd_monomer                   no 
_entity_poly.pdbx_seq_one_letter_code       '(DC)(DG)(DC)(DG)(DT)(DG)' 
_entity_poly.pdbx_seq_one_letter_code_can   CGCGTG 
_entity_poly.pdbx_strand_id                 A,B 
_entity_poly.pdbx_target_identifier         ? 
# 
loop_
_entity_poly_seq.entity_id 
_entity_poly_seq.num 
_entity_poly_seq.mon_id 
_entity_poly_seq.hetero 
1 1 DC n 
1 2 DG n 
1 3 DC n 
1 4 DG n 
1 5 DT n 
1 6 DG n 
# 
loop_
_chem_comp.id 
_chem_comp.type 
_chem_comp.mon_nstd_flag 
_chem_comp.name 
_chem_comp.pdbx_synonyms 
_chem_comp.formula 
_chem_comp.formula_weight 
DC 'DNA linking' y "2'-DEOXYCYTIDINE-5'-MONOPHOSPHATE"  ? 'C9 H14 N3 O7 P'  307.197 
DG 'DNA linking' y "2'-DEOXYGUANOSINE-5'-MONOPHOSPHATE" ? 'C10 H14 N5 O7 P' 347.221 
DT 'DNA linking' y "THYMIDINE-5'-MONOPHOSPHATE"         ? 'C10 H15 N2 O8 P' 322.208 
# 
loop_
_pdbx_poly_seq_scheme.asym_id 
_pdbx_poly_seq_scheme.entity_id 
_pdbx_poly_seq_scheme.seq_id 
_pdbx_poly_seq_scheme.mon_id 
_pdbx_poly_seq_scheme.ndb_seq_num 
_pdbx_poly_seq_scheme.pdb_seq_num 
_pdbx_poly_seq_scheme.auth_seq_num 
_pdbx_poly_seq_scheme.pdb_mon_id 
_pdbx_poly_seq_scheme.auth_mon_id 
_pdbx_poly_seq_scheme.pdb_strand_id 
_pdbx_poly_seq_scheme.pdb_ins_code 
_pdbx_poly_seq_scheme.hetero 
A 1 1 DC 1 1 1 DC C A . n 
A 1 2 DG 2 2 2 DG G A . n 
A 1 3 DC 3 3 3 DC C A . n 
A 1 4 DG 4 4 4 DG G A . n 
A 1 5 DT 5 5 5 DT T A . n 
A 1 6 DG 6 6 6 DG G A . n 
B 1 1 DC 1 1 1 DC C B . n 
B 1 2 DG 2 2 2 DG G B . n 
B 1 3 DC 3 3 3 DC C B . n 
B 1 4 DG 4 4 4 DG G B . n 
B 1 5 DT 5 5 5 DT T B . n 
B 1 6 DG 6 6 6 DG G B . n 
# 
_cell.entry_id           1VTT 
_cell.length_a           17.450 
_cell.length_b           31.630 
_cell.length_c           45.560 
_cell.angle_alpha        90.00 
_cell.angle_beta         90.00 
_cell.angle_gamma        90.00 
_cell.Z_PDB              8 
_cell.pdbx_unique_axis   ? 
_cell.length_a_esd       ? 
_cell.length_b_esd       ? 
_cell.length_c_esd       ? 
_cell.angle_alpha_esd    ? 
_cell.angle_beta_esd     ? 
_cell.angle_gamma_esd    ? 
# 
_symmetry.entry_id                         1VTT 
_symmetry.space_group_name_H-M             'P 21 21 21' 
_symmetry.pdbx_full_space_group_name_H-M   ? 
_symmetry.cell_setting                     ? 
_symmetry.Int_Tables_number                19 
_symmetry.space_group_name_Hall            ? 
# 
_exptl.entry_id          1VTT 
_exptl.method            'X-RAY DIFFRACTION' 
_exptl.crystals_number   ? 
# 
_exptl_crystal.id                    1 
_exptl_crystal.density_meas          ? 
_exptl_crystal.density_percent_sol   28.58 
_exptl_crystal.density_Matthews      1.72 
_exptl_crystal.description           ? 
_exptl_crystal.F_000                 ? 
_exptl_crystal.preparation           ? 
# 
_exptl_crystal_grow.crystal_id      1 
_exptl_crystal_grow.method          'VAPOR DIFFUSION' 
_exptl_crystal_grow.temp            ? 
_exptl_crystal_grow.temp_details    'ROOM TEMPERATURE' 
_exptl_crystal_grow.pH              7.00 
_exptl_crystal_grow.pdbx_details    'pH 7.00, VAPOR DIFFUSION' 
_exptl_crystal_grow.pdbx_pH_range   ? 
# 
loop_
_exptl_crystal_grow_comp.crystal_id 
_exptl_crystal_grow_comp.id 
_exptl_crystal_grow_comp.sol_id 
_exptl_crystal_grow_comp.name 
_exptl_crystal_grow_comp.volume 
_exptl_crystal_grow_comp.conc 
_exptl_crystal_grow_comp.details 
1 1 1 WATER           1  2  3  
1 2 1 MPD             4  5  6  
1 3 1 'NA CACODYLATE' 7  8  9  
1 4 1 MGCL2           10 11 12 
1 5 2 WATER           13 14 15 
1 6 2 MPD             16 17 18 
# 
_diffrn.id                     1 
_diffrn.ambient_temp           288.00 
_diffrn.ambient_temp_details   ? 
_diffrn.crystal_id             1 
# 
_diffrn_detector.diffrn_id              1 
_diffrn_detector.detector               DIFFRACTOMETER 
_diffrn_detector.type                   'NICOLET P3' 
_diffrn_detector.pdbx_collection_date   ? 
_diffrn_detector.details                ? 
# 
_diffrn_radiation.diffrn_id                        1 
_diffrn_radiation.wavelength_id                    1 
_diffrn_radiation.pdbx_monochromatic_or_laue_m_l   M 
_diffrn_radiation.monochromator                    ? 
_diffrn_radiation.pdbx_diffrn_protocol             'SINGLE WAVELENGTH' 
_diffrn_radiation.pdbx_scattering_type             x-ray 
# 
_diffrn_radiation_wavelength.id           1 
_diffrn_radiation_wavelength.wavelength   . 
_diffrn_radiation_wavelength.wt           1.0 
# 
_diffrn_source.diffrn_id                   1 
_diffrn_source.source                      ? 
_diffrn_source.type                        ? 
_diffrn_source.pdbx_synchrotron_site       ? 
_diffrn_source.pdbx_synchrotron_beamline   ? 
_diffrn_source.pdbx_wavelength             ? 
_diffrn_source.pdbx_wavelength_list        ? 
# 
_reflns.entry_id                     1VTT 
_reflns.observed_criterion_sigma_I   1.000 
_reflns.observed_criterion_sigma_F   ? 
_reflns.d_resolution_low             ? 
_reflns.d_resolution_high            ? 
_reflns.number_obs                   10964 
_reflns.number_all                   ? 
_reflns.percent_possible_obs         79.000 
_reflns.pdbx_Rmerge_I_obs            ? 
_reflns.pdbx_Rsym_value              ? 
_reflns.pdbx_netI_over_sigmaI        ? 
_reflns.B_iso_Wilson_estimate        ? 
_reflns.pdbx_redundancy              ? 
_reflns.R_free_details               ? 
_reflns.pdbx_ordinal                 1 
_reflns.pdbx_diffrn_id               1 
_reflns.pdbx_chi_squared             ? 
_reflns.pdbx_scaling_rejects         ? 
# 
_refine.entry_id                                 1VTT 
_refine.ls_number_reflns_obs                     ? 
_refine.ls_number_reflns_all                     ? 
_refine.pdbx_ls_sigma_I                          ? 
_refine.pdbx_ls_sigma_F                          ? 
_refine.pdbx_data_cutoff_high_absF               ? 
_refine.pdbx_data_cutoff_low_absF                ? 
_refine.pdbx_data_cutoff_high_rms_absF           ? 
_refine.ls_d_res_low                             ? 
_refine.ls_d_res_high                            1.000 
_refine.ls_percent_reflns_obs                    ? 
_refine.ls_R_factor_obs                          0.1950000 
_refine.ls_R_factor_all                          ? 
_refine.ls_R_factor_R_work                       ? 
_refine.ls_R_factor_R_free                       ? 
_refine.ls_R_factor_R_free_error                 ? 
_refine.ls_R_factor_R_free_error_details         ? 
_refine.ls_percent_reflns_R_free                 ? 
_refine.ls_number_reflns_R_free                  ? 
_refine.ls_number_parameters                     ? 
_refine.ls_number_restraints                     ? 
_refine.occupancy_min                            ? 
_refine.occupancy_max                            ? 
_refine.B_iso_mean                               ? 
_refine.aniso_B[1][1]                            ? 
_refine.aniso_B[2][2]                            ? 
_refine.aniso_B[3][3]                            ? 
_refine.aniso_B[1][2]                            ? 
_refine.aniso_B[1][3]                            ? 
_refine.aniso_B[2][3]                            ? 
_refine.solvent_model_details                    ? 
_refine.solvent_model_param_ksol                 ? 
_refine.solvent_model_param_bsol                 ? 
_refine.pdbx_ls_cross_valid_method               ? 
_refine.details                                  ? 
_refine.pdbx_starting_model                      ? 
_refine.pdbx_method_to_determine_struct          ? 
_refine.pdbx_isotropic_thermal_model             ? 
_refine.pdbx_stereochemistry_target_values       ? 
_refine.pdbx_stereochem_target_val_spec_case     ? 
_refine.pdbx_R_Free_selection_details            ? 
_refine.pdbx_overall_ESU_R_Free                  ? 
_refine.overall_SU_ML                            ? 
_refine.overall_SU_B                             ? 
_refine.ls_redundancy_reflns_obs                 ? 
_refine.correlation_coeff_Fo_to_Fc               ? 
_refine.correlation_coeff_Fo_to_Fc_free          ? 
_refine.overall_SU_R_Cruickshank_DPI             ? 
_refine.overall_SU_R_free                        ? 
_refine.pdbx_diffrn_id                           1 
_refine.pdbx_refine_id                           'X-RAY DIFFRACTION' 
_refine.pdbx_overall_phase_error                 ? 
_refine.pdbx_solvent_vdw_probe_radii             ? 
_refine.pdbx_solvent_ion_probe_radii             ? 
_refine.pdbx_solvent_shrinkage_radii             ? 
_refine.ls_wR_factor_R_free                      ? 
_refine.ls_wR_factor_R_work                      ? 
_refine.overall_FOM_free_R_set                   ? 
_refine.overall_FOM_work_R_set                   ? 
_refine.pdbx_overall_ESU_R                       ? 
_refine.pdbx_TLS_residual_ADP_flag               ? 
_refine.pdbx_overall_SU_R_free_Cruickshank_DPI   ? 
_refine.pdbx_overall_SU_R_Blow_DPI               ? 
_refine.pdbx_overall_SU_R_free_Blow_DPI          ? 
# 
_refine_hist.pdbx_refine_id                   'X-RAY DIFFRACTION' 
_refine_hist.cycle_id                         LAST 
_refine_hist.pdbx_number_atoms_protein        0 
_refine_hist.pdbx_number_atoms_nucleic_acid   242 
_refine_hist.pdbx_number_atoms_ligand         0 
_refine_hist.number_atoms_solvent             0 
_refine_hist.number_atoms_total               242 
_refine_hist.d_res_high                       1.000 
_refine_hist.d_res_low                        . 
# 
_struct.entry_id                  1VTT 
_struct.title                     
'GT Wobble Base-Pairing in Z-DNA at 1.0 Angstrom Atomic Resolution: The Crystal Structure of d(CGCGTG)' 
_struct.pdbx_model_details        ? 
_struct.pdbx_CASP_flag            ? 
_struct.pdbx_model_type_details   ? 
# 
_struct_keywords.entry_id        1VTT 
_struct_keywords.pdbx_keywords   DNA 
_struct_keywords.text            'Z-DNA, DOUBLE HELIX, MISMATCHED, DNA' 
# 
loop_
_struct_asym.id 
_struct_asym.pdbx_blank_PDB_chainid_flag 
_struct_asym.pdbx_modified 
_struct_asym.entity_id 
_struct_asym.details 
A N N 1 ? 
B N N 1 ? 
# 
_struct_ref.id                         1 
_struct_ref.db_name                    PDB 
_struct_ref.db_code                    1VTT 
_struct_ref.pdbx_db_accession          1VTT 
_struct_ref.entity_id                  1 
_struct_ref.pdbx_align_begin           ? 
_struct_ref.pdbx_seq_one_letter_code   CGCGTG 
_struct_ref.pdbx_db_isoform            ? 
# 
loop_
_struct_ref_seq.align_id 
_struct_ref_seq.ref_id 
_struct_ref_seq.pdbx_PDB_id_code 
_struct_ref_seq.pdbx_strand_id 
_struct_ref_seq.seq_align_beg 
_struct_ref_seq.pdbx_seq_align_beg_ins_code 
_struct_ref_seq.seq_align_end 
_struct_ref_seq.pdbx_seq_align_end_ins_code 
_struct_ref_seq.pdbx_db_accession 
_struct_ref_seq.db_align_beg 
_struct_ref_seq.pdbx_db_align_beg_ins_code 
_struct_ref_seq.db_align_end 
_struct_ref_seq.pdbx_db_align_end_ins_code 
_struct_ref_seq.pdbx_auth_seq_align_beg 
_struct_ref_seq.pdbx_auth_seq_align_end 
1 1 1VTT A 1 ? 6 ? 1VTT 1 ? 6 ? 1 6 
2 1 1VTT B 1 ? 6 ? 1VTT 1 ? 6 ? 1 6 
# 
_pdbx_struct_assembly.id                   1 
_pdbx_struct_assembly.details              author_and_software_defined_assembly 
_pdbx_struct_assembly.method_details       PISA 
_pdbx_struct_assembly.oligomeric_details   dimeric 
_pdbx_struct_assembly.oligomeric_count     2 
# 
loop_
_pdbx_struct_assembly_prop.biol_id 
_pdbx_struct_assembly_prop.type 
_pdbx_struct_assembly_prop.value 
_pdbx_struct_assembly_prop.details 
1 'ABSA (A^2)' 640  ? 
1 MORE         -7   ? 
1 'SSA (A^2)'  2340 ? 
# 
_pdbx_struct_assembly_gen.assembly_id       1 
_pdbx_struct_assembly_gen.oper_expression   1 
_pdbx_struct_assembly_gen.asym_id_list      A,B 
# 
_pdbx_struct_oper_list.id                   1 
_pdbx_struct_oper_list.type                 'identity operation' 
_pdbx_struct_oper_list.name                 1_555 
_pdbx_struct_oper_list.symmetry_operation   x,y,z 
_pdbx_struct_oper_list.matrix[1][1]         1.0000000000 
_pdbx_struct_oper_list.matrix[1][2]         0.0000000000 
_pdbx_struct_oper_list.matrix[1][3]         0.0000000000 
_pdbx_struct_oper_list.vector[1]            0.0000000000 
_pdbx_struct_oper_list.matrix[2][1]         0.0000000000 
_pdbx_struct_oper_list.matrix[2][2]         1.0000000000 
_pdbx_struct_oper_list.matrix[2][3]         0.0000000000 
_pdbx_struct_oper_list.vector[2]            0.0000000000 
_pdbx_struct_oper_list.matrix[3][1]         0.0000000000 
_pdbx_struct_oper_list.matrix[3][2]         0.0000000000 
_pdbx_struct_oper_list.matrix[3][3]         1.0000000000 
_pdbx_struct_oper_list.vector[3]            0.0000000000 
# 
_struct_biol.id                    1 
_struct_biol.pdbx_parent_biol_id   ? 
_struct_biol.details               ? 
# 
loop_
_struct_conn.id 
_struct_conn.conn_type_id 
_struct_conn.pdbx_leaving_atom_flag 
_struct_conn.pdbx_PDB_id 
_struct_conn.ptnr1_label_asym_id 
_struct_conn.ptnr1_label_comp_id 
_struct_conn.ptnr1_label_seq_id 
_struct_conn.ptnr1_label_atom_id 
_struct_conn.pdbx_ptnr1_label_alt_id 
_struct_conn.pdbx_ptnr1_PDB_ins_code 
_struct_conn.pdbx_ptnr1_standard_comp_id 
_struct_conn.ptnr1_symmetry 
_struct_conn.ptnr2_label_asym_id 
_struct_conn.ptnr2_label_comp_id 
_struct_conn.ptnr2_label_seq_id 
_struct_conn.ptnr2_label_atom_id 
_struct_conn.pdbx_ptnr2_label_alt_id 
_struct_conn.pdbx_ptnr2_PDB_ins_code 
_struct_conn.ptnr1_auth_asym_id 
_struct_conn.ptnr1_auth_comp_id 
_struct_conn.ptnr1_auth_seq_id 
_struct_conn.ptnr2_auth_asym_id 
_struct_conn.ptnr2_auth_comp_id 
_struct_conn.ptnr2_auth_seq_id 
_struct_conn.ptnr2_symmetry 
_struct_conn.pdbx_ptnr3_label_atom_id 
_struct_conn.pdbx_ptnr3_label_seq_id 
_struct_conn.pdbx_ptnr3_label_comp_id 
_struct_conn.pdbx_ptnr3_label_asym_id 
_struct_conn.pdbx_ptnr3_label_alt_id 
_struct_conn.pdbx_ptnr3_PDB_ins_code 
_struct_conn.details 
_struct_conn.pdbx_dist_value 
_struct_conn.pdbx_value_order 
_struct_conn.pdbx_role 
hydrog1  hydrog ? ? A DC 1 N3 ? ? ? 1_555 B DG 6 N1 ? ? A DC 1 B DG 6 1_555 ? ? ? ? ? ? WATSON-CRICK ? ? ? 
hydrog2  hydrog ? ? A DC 1 N4 ? ? ? 1_555 B DG 6 O6 ? ? A DC 1 B DG 6 1_555 ? ? ? ? ? ? WATSON-CRICK ? ? ? 
hydrog3  hydrog ? ? A DC 1 O2 ? ? ? 1_555 B DG 6 N2 ? ? A DC 1 B DG 6 1_555 ? ? ? ? ? ? WATSON-CRICK ? ? ? 
hydrog4  hydrog ? ? A DG 2 N1 ? ? ? 1_555 B DT 5 O2 ? ? A DG 2 B DT 5 1_555 ? ? ? ? ? ? TYPE_28_PAIR ? ? ? 
hydrog5  hydrog ? ? A DG 2 O6 ? ? ? 1_555 B DT 5 N3 ? ? A DG 2 B DT 5 1_555 ? ? ? ? ? ? TYPE_28_PAIR ? ? ? 
hydrog6  hydrog ? ? A DC 3 N3 ? ? ? 1_555 B DG 4 N1 ? ? A DC 3 B DG 4 1_555 ? ? ? ? ? ? WATSON-CRICK ? ? ? 
hydrog7  hydrog ? ? A DC 3 N4 ? ? ? 1_555 B DG 4 O6 ? ? A DC 3 B DG 4 1_555 ? ? ? ? ? ? WATSON-CRICK ? ? ? 
hydrog8  hydrog ? ? A DC 3 O2 ? ? ? 1_555 B DG 4 N2 ? ? A DC 3 B DG 4 1_555 ? ? ? ? ? ? WATSON-CRICK ? ? ? 
hydrog9  hydrog ? ? A DG 4 N1 ? ? ? 1_555 B DC 3 N3 ? ? A DG 4 B DC 3 1_555 ? ? ? ? ? ? WATSON-CRICK ? ? ? 
hydrog10 hydrog ? ? A DG 4 N2 ? ? ? 1_555 B DC 3 O2 ? ? A DG 4 B DC 3 1_555 ? ? ? ? ? ? WATSON-CRICK ? ? ? 
hydrog11 hydrog ? ? A DG 4 O6 ? ? ? 1_555 B DC 3 N4 ? ? A DG 4 B DC 3 1_555 ? ? ? ? ? ? WATSON-CRICK ? ? ? 
hydrog12 hydrog ? ? A DT 5 N3 ? ? ? 1_555 B DG 2 O6 ? ? A DT 5 B DG 2 1_555 ? ? ? ? ? ? TYPE_28_PAIR ? ? ? 
hydrog13 hydrog ? ? A DT 5 O2 ? ? ? 1_555 B DG 2 N1 ? ? A DT 5 B DG 2 1_555 ? ? ? ? ? ? TYPE_28_PAIR ? ? ? 
hydrog14 hydrog ? ? A DG 6 N1 ? ? ? 1_555 B DC 1 N3 ? ? A DG 6 B DC 1 1_555 ? ? ? ? ? ? WATSON-CRICK ? ? ? 
hydrog15 hydrog ? ? A DG 6 N2 ? ? ? 1_555 B DC 1 O2 ? ? A DG 6 B DC 1 1_555 ? ? ? ? ? ? WATSON-CRICK ? ? ? 
hydrog16 hydrog ? ? A DG 6 O6 ? ? ? 1_555 B DC 1 N4 ? ? A DG 6 B DC 1 1_555 ? ? ? ? ? ? WATSON-CRICK ? ? ? 
# 
_struct_conn_type.id          hydrog 
_struct_conn_type.criteria    ? 
_struct_conn_type.reference   ? 
# 
loop_
_pdbx_validate_rmsd_bond.id 
_pdbx_validate_rmsd_bond.PDB_model_num 
_pdbx_validate_rmsd_bond.auth_atom_id_1 
_pdbx_validate_rmsd_bond.auth_asym_id_1 
_pdbx_validate_rmsd_bond.auth_comp_id_1 
_pdbx_validate_rmsd_bond.auth_seq_id_1 
_pdbx_validate_rmsd_bond.PDB_ins_code_1 
_pdbx_validate_rmsd_bond.label_alt_id_1 
_pdbx_validate_rmsd_bond.auth_atom_id_2 
_pdbx_validate_rmsd_bond.auth_asym_id_2 
_pdbx_validate_rmsd_bond.auth_comp_id_2 
_pdbx_validate_rmsd_bond.auth_seq_id_2 
_pdbx_validate_rmsd_bond.PDB_ins_code_2 
_pdbx_validate_rmsd_bond.label_alt_id_2 
_pdbx_validate_rmsd_bond.bond_value 
_pdbx_validate_rmsd_bond.bond_target_value 
_pdbx_validate_rmsd_bond.bond_deviation 
_pdbx_validate_rmsd_bond.bond_standard_deviation 
_pdbx_validate_rmsd_bond.linker_flag 
1  1 "C5'" A DC 1 ? ? "C4'" A DC 1 ? ? 1.607 1.512 0.095  0.007 N 
2  1 "C4'" A DC 1 ? ? "C3'" A DC 1 ? ? 1.620 1.529 0.091  0.010 N 
3  1 "C2'" A DC 1 ? ? "C1'" A DC 1 ? ? 1.621 1.519 0.102  0.010 N 
4  1 N1    A DC 1 ? ? C2    A DC 1 ? ? 1.478 1.397 0.081  0.010 N 
5  1 N1    A DC 1 ? ? C6    A DC 1 ? ? 1.328 1.367 -0.039 0.006 N 
6  1 C4    A DC 1 ? ? C5    A DC 1 ? ? 1.490 1.425 0.065  0.008 N 
7  1 P     A DG 2 ? ? OP2   A DG 2 ? ? 1.365 1.485 -0.120 0.017 N 
8  1 "C4'" A DG 2 ? ? "C3'" A DG 2 ? ? 1.635 1.529 0.106  0.010 N 
9  1 "C3'" A DG 2 ? ? "C2'" A DG 2 ? ? 1.465 1.516 -0.051 0.008 N 
10 1 "O4'" A DG 2 ? ? "C1'" A DG 2 ? ? 1.504 1.420 0.084  0.011 N 
11 1 "O4'" A DG 2 ? ? "C4'" A DG 2 ? ? 1.352 1.446 -0.094 0.010 N 
12 1 N1    A DG 2 ? ? C2    A DG 2 ? ? 1.315 1.373 -0.058 0.008 N 
13 1 C2    A DG 2 ? ? N3    A DG 2 ? ? 1.383 1.323 0.060  0.008 N 
14 1 C6    A DG 2 ? ? N1    A DG 2 ? ? 1.279 1.391 -0.112 0.007 N 
15 1 N7    A DG 2 ? ? C8    A DG 2 ? ? 1.351 1.305 0.046  0.006 N 
16 1 C8    A DG 2 ? ? N9    A DG 2 ? ? 1.321 1.374 -0.053 0.007 N 
17 1 N9    A DG 2 ? ? C4    A DG 2 ? ? 1.457 1.375 0.082  0.008 N 
18 1 C2    A DG 2 ? ? N2    A DG 2 ? ? 1.223 1.341 -0.118 0.010 N 
19 1 "C5'" A DC 3 ? ? "C4'" A DC 3 ? ? 1.560 1.512 0.048  0.007 N 
20 1 "C2'" A DC 3 ? ? "C1'" A DC 3 ? ? 1.694 1.519 0.175  0.010 N 
21 1 N3    A DC 3 ? ? C4    A DC 3 ? ? 1.428 1.335 0.093  0.007 N 
22 1 "C5'" A DG 4 ? ? "C4'" A DG 4 ? ? 1.413 1.509 -0.096 0.011 N 
23 1 "C4'" A DG 4 ? ? "C3'" A DG 4 ? ? 1.654 1.529 0.125  0.010 N 
24 1 "C3'" A DG 4 ? ? "C2'" A DG 4 ? ? 1.433 1.516 -0.083 0.008 N 
25 1 "O4'" A DG 4 ? ? "C1'" A DG 4 ? ? 1.494 1.420 0.074  0.011 N 
26 1 N7    A DG 4 ? ? C8    A DG 4 ? ? 1.375 1.305 0.070  0.006 N 
27 1 P     A DT 5 ? ? OP2   A DT 5 ? ? 1.379 1.485 -0.106 0.017 N 
28 1 "C4'" A DT 5 ? ? "C3'" A DT 5 ? ? 1.612 1.529 0.083  0.010 N 
29 1 "C2'" A DT 5 ? ? "C1'" A DT 5 ? ? 1.619 1.519 0.100  0.010 N 
30 1 C2    A DT 5 ? ? N3    A DT 5 ? ? 1.421 1.373 0.048  0.008 N 
31 1 "C3'" A DG 6 ? ? "C2'" A DG 6 ? ? 1.435 1.516 -0.081 0.008 N 
32 1 "O3'" A DG 6 ? ? "C3'" A DG 6 ? ? 1.521 1.435 0.086  0.013 N 
33 1 C2    A DG 6 ? ? N2    A DG 6 ? ? 1.274 1.341 -0.067 0.010 N 
34 1 "C5'" B DC 1 ? ? "C4'" B DC 1 ? ? 1.565 1.512 0.053  0.007 N 
35 1 "C4'" B DC 1 ? ? "C3'" B DC 1 ? ? 1.618 1.529 0.089  0.010 N 
36 1 N1    B DC 1 ? ? C6    B DC 1 ? ? 1.408 1.367 0.041  0.006 N 
37 1 N3    B DC 1 ? ? C4    B DC 1 ? ? 1.399 1.335 0.064  0.007 N 
38 1 "C5'" B DG 2 ? ? "C4'" B DG 2 ? ? 1.438 1.509 -0.071 0.011 N 
39 1 "C4'" B DG 2 ? ? "C3'" B DG 2 ? ? 1.618 1.529 0.089  0.010 N 
40 1 N3    B DG 2 ? ? C4    B DG 2 ? ? 1.400 1.350 0.050  0.007 N 
41 1 C4    B DG 2 ? ? C5    B DG 2 ? ? 1.334 1.379 -0.045 0.007 N 
42 1 C6    B DG 2 ? ? N1    B DG 2 ? ? 1.339 1.391 -0.052 0.007 N 
43 1 "O3'" B DG 2 ? ? P     B DC 3 ? ? 1.517 1.607 -0.090 0.012 Y 
44 1 "C5'" B DC 3 ? ? "C4'" B DC 3 ? ? 1.557 1.512 0.045  0.007 N 
45 1 "C4'" B DC 3 ? ? "C3'" B DC 3 ? ? 1.589 1.529 0.060  0.010 N 
46 1 "C2'" B DC 3 ? ? "C1'" B DC 3 ? ? 1.581 1.519 0.062  0.010 N 
47 1 N1    B DC 3 ? ? C6    B DC 3 ? ? 1.406 1.367 0.039  0.006 N 
48 1 C2    B DC 3 ? ? N3    B DC 3 ? ? 1.430 1.353 0.077  0.008 N 
49 1 N3    B DC 3 ? ? C4    B DC 3 ? ? 1.387 1.335 0.052  0.007 N 
50 1 P     B DG 4 ? ? OP1   B DG 4 ? ? 1.338 1.485 -0.147 0.017 N 
51 1 "C4'" B DG 4 ? ? "C3'" B DG 4 ? ? 1.611 1.529 0.082  0.010 N 
52 1 "C3'" B DG 4 ? ? "C2'" B DG 4 ? ? 1.436 1.516 -0.080 0.008 N 
53 1 "O4'" B DG 4 ? ? "C1'" B DG 4 ? ? 1.502 1.420 0.082  0.011 N 
54 1 C6    B DG 4 ? ? N1    B DG 4 ? ? 1.336 1.391 -0.055 0.007 N 
55 1 C5    B DG 4 ? ? N7    B DG 4 ? ? 1.346 1.388 -0.042 0.006 N 
56 1 C8    B DG 4 ? ? N9    B DG 4 ? ? 1.327 1.374 -0.047 0.007 N 
57 1 C2    B DG 4 ? ? N2    B DG 4 ? ? 1.267 1.341 -0.074 0.010 N 
58 1 P     B DT 5 ? ? "O5'" B DT 5 ? ? 1.523 1.593 -0.070 0.010 N 
59 1 "C4'" B DT 5 ? ? "C3'" B DT 5 ? ? 1.625 1.529 0.096  0.010 N 
60 1 "C2'" B DT 5 ? ? "C1'" B DT 5 ? ? 1.635 1.519 0.116  0.010 N 
61 1 "O4'" B DT 5 ? ? "C4'" B DT 5 ? ? 1.527 1.449 0.078  0.009 N 
62 1 "O3'" B DT 5 ? ? "C3'" B DT 5 ? ? 1.536 1.435 0.101  0.013 N 
63 1 N1    B DT 5 ? ? C2    B DT 5 ? ? 1.443 1.376 0.067  0.008 N 
64 1 P     B DG 6 ? ? OP1   B DG 6 ? ? 1.377 1.485 -0.108 0.017 N 
65 1 P     B DG 6 ? ? "O5'" B DG 6 ? ? 1.657 1.593 0.064  0.010 N 
66 1 "C4'" B DG 6 ? ? "C3'" B DG 6 ? ? 1.639 1.529 0.110  0.010 N 
67 1 "C3'" B DG 6 ? ? "C2'" B DG 6 ? ? 1.452 1.516 -0.064 0.008 N 
68 1 "O3'" B DG 6 ? ? "C3'" B DG 6 ? ? 1.516 1.435 0.081  0.013 N 
69 1 N1    B DG 6 ? ? C2    B DG 6 ? ? 1.301 1.373 -0.072 0.008 N 
70 1 C2    B DG 6 ? ? N3    B DG 6 ? ? 1.395 1.323 0.072  0.008 N 
71 1 C6    B DG 6 ? ? N1    B DG 6 ? ? 1.325 1.391 -0.066 0.007 N 
72 1 C8    B DG 6 ? ? N9    B DG 6 ? ? 1.328 1.374 -0.046 0.007 N 
73 1 N9    B DG 6 ? ? C4    B DG 6 ? ? 1.470 1.375 0.095  0.008 N 
74 1 C2    B DG 6 ? ? N2    B DG 6 ? ? 1.223 1.341 -0.118 0.010 N 
# 
loop_
_pdbx_validate_rmsd_angle.id 
_pdbx_validate_rmsd_angle.PDB_model_num 
_pdbx_validate_rmsd_angle.auth_atom_id_1 
_pdbx_validate_rmsd_angle.auth_asym_id_1 
_pdbx_validate_rmsd_angle.auth_comp_id_1 
_pdbx_validate_rmsd_angle.auth_seq_id_1 
_pdbx_validate_rmsd_angle.PDB_ins_code_1 
_pdbx_validate_rmsd_angle.label_alt_id_1 
_pdbx_validate_rmsd_angle.auth_atom_id_2 
_pdbx_validate_rmsd_angle.auth_asym_id_2 
_pdbx_validate_rmsd_angle.auth_comp_id_2 
_pdbx_validate_rmsd_angle.auth_seq_id_2 
_pdbx_validate_rmsd_angle.PDB_ins_code_2 
_pdbx_validate_rmsd_angle.label_alt_id_2 
_pdbx_validate_rmsd_angle.auth_atom_id_3 
_pdbx_validate_rmsd_angle.auth_asym_id_3 
_pdbx_validate_rmsd_angle.auth_comp_id_3 
_pdbx_validate_rmsd_angle.auth_seq_id_3 
_pdbx_validate_rmsd_angle.PDB_ins_code_3 
_pdbx_validate_rmsd_angle.label_alt_id_3 
_pdbx_validate_rmsd_angle.angle_value 
_pdbx_validate_rmsd_angle.angle_target_value 
_pdbx_validate_rmsd_angle.angle_deviation 
_pdbx_validate_rmsd_angle.angle_standard_deviation 
_pdbx_validate_rmsd_angle.linker_flag 
1  1 "C3'" A DC 1 ? ? "C2'" A DC 1 ? ? "C1'" A DC 1 ? ? 97.34  102.40 -5.06 0.80 N 
2  1 N1    A DC 1 ? ? C2    A DC 1 ? ? N3    A DC 1 ? ? 114.89 119.20 -4.31 0.70 N 
3  1 C2    A DC 1 ? ? N3    A DC 1 ? ? C4    A DC 1 ? ? 126.82 119.90 6.92  0.50 N 
4  1 N3    A DC 1 ? ? C4    A DC 1 ? ? C5    A DC 1 ? ? 116.81 121.90 -5.09 0.40 N 
5  1 C5    A DC 1 ? ? C6    A DC 1 ? ? N1    A DC 1 ? ? 125.10 121.00 4.10  0.50 N 
6  1 N3    A DC 1 ? ? C2    A DC 1 ? ? O2    A DC 1 ? ? 127.37 121.90 5.47  0.70 N 
7  1 N3    A DC 1 ? ? C4    A DC 1 ? ? N4    A DC 1 ? ? 124.02 118.00 6.02  0.70 N 
8  1 "C3'" A DC 1 ? ? "O3'" A DC 1 ? ? P     A DG 2 ? ? 127.26 119.70 7.56  1.20 Y 
9  1 "O4'" A DG 2 ? ? "C4'" A DG 2 ? ? "C3'" A DG 2 ? ? 101.33 104.50 -3.17 0.40 N 
10 1 "C4'" A DG 2 ? ? "C3'" A DG 2 ? ? "C2'" A DG 2 ? ? 110.54 103.10 7.44  0.90 N 
11 1 "O4'" A DG 2 ? ? "C1'" A DG 2 ? ? "C2'" A DG 2 ? ? 111.70 106.80 4.90  0.50 N 
12 1 N1    A DG 2 ? ? C2    A DG 2 ? ? N3    A DG 2 ? ? 120.03 123.90 -3.87 0.60 N 
13 1 C4    A DG 2 ? ? C5    A DG 2 ? ? C6    A DG 2 ? ? 114.17 118.80 -4.63 0.60 N 
14 1 C5    A DG 2 ? ? C6    A DG 2 ? ? N1    A DG 2 ? ? 115.73 111.50 4.23  0.50 N 
15 1 N1    A DG 2 ? ? C2    A DG 2 ? ? N2    A DG 2 ? ? 127.99 116.20 11.79 0.90 N 
16 1 N3    A DG 2 ? ? C2    A DG 2 ? ? N2    A DG 2 ? ? 111.90 119.90 -8.00 0.70 N 
17 1 N1    A DG 2 ? ? C6    A DG 2 ? ? O6    A DG 2 ? ? 124.90 119.90 5.00  0.60 N 
18 1 C5    A DG 2 ? ? C6    A DG 2 ? ? O6    A DG 2 ? ? 119.00 128.60 -9.60 0.60 N 
19 1 "C3'" A DG 2 ? ? "O3'" A DG 2 ? ? P     A DC 3 ? ? 127.45 119.70 7.75  1.20 Y 
20 1 "C3'" A DC 3 ? ? "C2'" A DC 3 ? ? "C1'" A DC 3 ? ? 94.12  102.40 -8.28 0.80 N 
21 1 N3    A DC 3 ? ? C4    A DC 3 ? ? C5    A DC 3 ? ? 118.58 121.90 -3.32 0.40 N 
22 1 C5    A DC 3 ? ? C4    A DC 3 ? ? N4    A DC 3 ? ? 124.98 120.20 4.78  0.70 N 
23 1 "C3'" A DC 3 ? ? "O3'" A DC 3 ? ? P     A DG 4 ? ? 128.90 119.70 9.20  1.20 Y 
24 1 "O4'" A DG 4 ? ? "C4'" A DG 4 ? ? "C3'" A DG 4 ? ? 98.68  104.50 -5.82 0.40 N 
25 1 "C4'" A DG 4 ? ? "C3'" A DG 4 ? ? "C2'" A DG 4 ? ? 109.35 103.10 6.25  0.90 N 
26 1 "O4'" A DG 4 ? ? "C1'" A DG 4 ? ? "C2'" A DG 4 ? ? 112.48 106.80 5.68  0.50 N 
27 1 "O4'" A DG 4 ? ? "C1'" A DG 4 ? ? N9    A DG 4 ? ? 102.84 108.00 -5.16 0.70 N 
28 1 C6    A DG 4 ? ? N1    A DG 4 ? ? C2    A DG 4 ? ? 119.53 125.10 -5.57 0.60 N 
29 1 C5    A DG 4 ? ? C6    A DG 4 ? ? N1    A DG 4 ? ? 117.13 111.50 5.63  0.50 N 
30 1 C4    A DG 4 ? ? C5    A DG 4 ? ? N7    A DG 4 ? ? 114.02 110.80 3.22  0.40 N 
31 1 C5    A DG 4 ? ? N7    A DG 4 ? ? C8    A DG 4 ? ? 100.99 104.30 -3.31 0.50 N 
32 1 C5    A DG 4 ? ? C6    A DG 4 ? ? O6    A DG 4 ? ? 124.03 128.60 -4.57 0.60 N 
33 1 "C3'" A DT 5 ? ? "C2'" A DT 5 ? ? "C1'" A DT 5 ? ? 96.62  102.40 -5.78 0.80 N 
34 1 C2    A DT 5 ? ? N3    A DT 5 ? ? C4    A DT 5 ? ? 123.39 127.20 -3.81 0.60 N 
35 1 N3    A DT 5 ? ? C4    A DT 5 ? ? C5    A DT 5 ? ? 118.85 115.20 3.65  0.60 N 
36 1 N3    A DT 5 ? ? C4    A DT 5 ? ? O4    A DT 5 ? ? 115.56 119.90 -4.34 0.60 N 
37 1 C2    A DG 6 ? ? N3    A DG 6 ? ? C4    A DG 6 ? ? 116.95 111.90 5.05  0.50 N 
38 1 N1    A DG 6 ? ? C6    A DG 6 ? ? O6    A DG 6 ? ? 124.20 119.90 4.30  0.60 N 
39 1 C5    A DG 6 ? ? C6    A DG 6 ? ? O6    A DG 6 ? ? 121.26 128.60 -7.34 0.60 N 
40 1 "O5'" B DC 1 ? ? "C5'" B DC 1 ? ? "C4'" B DC 1 ? ? 103.94 109.40 -5.46 0.80 N 
41 1 "O4'" B DC 1 ? ? "C1'" B DC 1 ? ? "C2'" B DC 1 ? ? 112.03 106.80 5.23  0.50 N 
42 1 C2    B DC 1 ? ? N3    B DC 1 ? ? C4    B DC 1 ? ? 124.75 119.90 4.85  0.50 N 
43 1 N3    B DC 1 ? ? C4    B DC 1 ? ? C5    B DC 1 ? ? 118.00 121.90 -3.90 0.40 N 
44 1 C5    B DC 1 ? ? C6    B DC 1 ? ? N1    B DC 1 ? ? 125.64 121.00 4.64  0.50 N 
45 1 "O4'" B DG 2 ? ? "C1'" B DG 2 ? ? "C2'" B DG 2 ? ? 109.81 106.80 3.01  0.50 N 
46 1 N3    B DG 2 ? ? C4    B DG 2 ? ? C5    B DG 2 ? ? 124.61 128.60 -3.99 0.50 N 
47 1 C5    B DG 2 ? ? C6    B DG 2 ? ? N1    B DG 2 ? ? 115.55 111.50 4.05  0.50 N 
48 1 N9    B DG 2 ? ? C4    B DG 2 ? ? C5    B DG 2 ? ? 109.98 105.40 4.58  0.40 N 
49 1 N3    B DC 3 ? ? C4    B DC 3 ? ? C5    B DC 3 ? ? 124.44 121.90 2.54  0.40 N 
50 1 N1    B DC 3 ? ? C2    B DC 3 ? ? O2    B DC 3 ? ? 123.94 118.90 5.04  0.60 N 
51 1 N3    B DC 3 ? ? C4    B DC 3 ? ? N4    B DC 3 ? ? 113.20 118.00 -4.80 0.70 N 
52 1 "C5'" B DG 4 ? ? "C4'" B DG 4 ? ? "O4'" B DG 4 ? ? 117.63 109.80 7.83  1.10 N 
53 1 N1    B DG 4 ? ? C2    B DG 4 ? ? N3    B DG 4 ? ? 119.38 123.90 -4.52 0.60 N 
54 1 C2    B DG 4 ? ? N3    B DG 4 ? ? C4    B DG 4 ? ? 119.21 111.90 7.31  0.50 N 
55 1 N3    B DG 4 ? ? C4    B DG 4 ? ? C5    B DG 4 ? ? 125.10 128.60 -3.50 0.50 N 
56 1 C4    B DG 4 ? ? C5    B DG 4 ? ? C6    B DG 4 ? ? 114.70 118.80 -4.10 0.60 N 
57 1 C5    B DG 4 ? ? C6    B DG 4 ? ? N1    B DG 4 ? ? 117.92 111.50 6.42  0.50 N 
58 1 N9    B DG 4 ? ? C4    B DG 4 ? ? C5    B DG 4 ? ? 102.94 105.40 -2.46 0.40 N 
59 1 N3    B DG 4 ? ? C4    B DG 4 ? ? N9    B DG 4 ? ? 131.96 126.00 5.96  0.60 N 
60 1 C5    B DG 4 ? ? C6    B DG 4 ? ? O6    B DG 4 ? ? 119.52 128.60 -9.08 0.60 N 
61 1 "O4'" B DT 5 ? ? "C4'" B DT 5 ? ? "C3'" B DT 5 ? ? 100.82 104.50 -3.68 0.40 N 
62 1 "C3'" B DT 5 ? ? "C2'" B DT 5 ? ? "C1'" B DT 5 ? ? 97.50  102.40 -4.90 0.80 N 
63 1 "O4'" B DG 6 ? ? "C1'" B DG 6 ? ? "C2'" B DG 6 ? ? 115.71 106.80 8.91  0.50 N 
64 1 C6    B DG 6 ? ? N1    B DG 6 ? ? C2    B DG 6 ? ? 130.43 125.10 5.33  0.60 N 
65 1 N1    B DG 6 ? ? C2    B DG 6 ? ? N3    B DG 6 ? ? 120.10 123.90 -3.80 0.60 N 
66 1 C4    B DG 6 ? ? C5    B DG 6 ? ? N7    B DG 6 ? ? 114.49 110.80 3.69  0.40 N 
67 1 C5    B DG 6 ? ? N7    B DG 6 ? ? C8    B DG 6 ? ? 100.94 104.30 -3.36 0.50 N 
68 1 N7    B DG 6 ? ? C8    B DG 6 ? ? N9    B DG 6 ? ? 118.18 113.10 5.08  0.50 N 
69 1 C8    B DG 6 ? ? N9    B DG 6 ? ? C4    B DG 6 ? ? 103.05 106.40 -3.35 0.40 N 
70 1 N1    B DG 6 ? ? C2    B DG 6 ? ? N2    B DG 6 ? ? 125.94 116.20 9.74  0.90 N 
71 1 N3    B DG 6 ? ? C2    B DG 6 ? ? N2    B DG 6 ? ? 113.78 119.90 -6.12 0.70 N 
72 1 N1    B DG 6 ? ? C6    B DG 6 ? ? O6    B DG 6 ? ? 124.81 119.90 4.91  0.60 N 
73 1 C5    B DG 6 ? ? C6    B DG 6 ? ? O6    B DG 6 ? ? 123.20 128.60 -5.40 0.60 N 
# 
loop_
_chem_comp_atom.comp_id 
_chem_comp_atom.atom_id 
_chem_comp_atom.type_symbol 
_chem_comp_atom.pdbx_aromatic_flag 
_chem_comp_atom.pdbx_stereo_config 
_chem_comp_atom.pdbx_ordinal 
DC OP3    O N N 1   
DC P      P N N 2   
DC OP1    O N N 3   
DC OP2    O N N 4   
DC "O5'"  O N N 5   
DC "C5'"  C N N 6   
DC "C4'"  C N R 7   
DC "O4'"  O N N 8   
DC "C3'"  C N S 9   
DC "O3'"  O N N 10  
DC "C2'"  C N N 11  
DC "C1'"  C N R 12  
DC N1     N N N 13  
DC C2     C N N 14  
DC O2     O N N 15  
DC N3     N N N 16  
DC C4     C N N 17  
DC N4     N N N 18  
DC C5     C N N 19  
DC C6     C N N 20  
DC HOP3   H N N 21  
DC HOP2   H N N 22  
DC "H5'"  H N N 23  
DC "H5''" H N N 24  
DC "H4'"  H N N 25  
DC "H3'"  H N N 26  
DC "HO3'" H N N 27  
DC "H2'"  H N N 28  
DC "H2''" H N N 29  
DC "H1'"  H N N 30  
DC H41    H N N 31  
DC H42    H N N 32  
DC H5     H N N 33  
DC H6     H N N 34  
DG OP3    O N N 35  
DG P      P N N 36  
DG OP1    O N N 37  
DG OP2    O N N 38  
DG "O5'"  O N N 39  
DG "C5'"  C N N 40  
DG "C4'"  C N R 41  
DG "O4'"  O N N 42  
DG "C3'"  C N S 43  
DG "O3'"  O N N 44  
DG "C2'"  C N N 45  
DG "C1'"  C N R 46  
DG N9     N Y N 47  
DG C8     C Y N 48  
DG N7     N Y N 49  
DG C5     C Y N 50  
DG C6     C N N 51  
DG O6     O N N 52  
DG N1     N N N 53  
DG C2     C N N 54  
DG N2     N N N 55  
DG N3     N N N 56  
DG C4     C Y N 57  
DG HOP3   H N N 58  
DG HOP2   H N N 59  
DG "H5'"  H N N 60  
DG "H5''" H N N 61  
DG "H4'"  H N N 62  
DG "H3'"  H N N 63  
DG "HO3'" H N N 64  
DG "H2'"  H N N 65  
DG "H2''" H N N 66  
DG "H1'"  H N N 67  
DG H8     H N N 68  
DG H1     H N N 69  
DG H21    H N N 70  
DG H22    H N N 71  
DT OP3    O N N 72  
DT P      P N N 73  
DT OP1    O N N 74  
DT OP2    O N N 75  
DT "O5'"  O N N 76  
DT "C5'"  C N N 77  
DT "C4'"  C N R 78  
DT "O4'"  O N N 79  
DT "C3'"  C N S 80  
DT "O3'"  O N N 81  
DT "C2'"  C N N 82  
DT "C1'"  C N R 83  
DT N1     N N N 84  
DT C2     C N N 85  
DT O2     O N N 86  
DT N3     N N N 87  
DT C4     C N N 88  
DT O4     O N N 89  
DT C5     C N N 90  
DT C7     C N N 91  
DT C6     C N N 92  
DT HOP3   H N N 93  
DT HOP2   H N N 94  
DT "H5'"  H N N 95  
DT "H5''" H N N 96  
DT "H4'"  H N N 97  
DT "H3'"  H N N 98  
DT "HO3'" H N N 99  
DT "H2'"  H N N 100 
DT "H2''" H N N 101 
DT "H1'"  H N N 102 
DT H3     H N N 103 
DT H71    H N N 104 
DT H72    H N N 105 
DT H73    H N N 106 
DT H6     H N N 107 
# 
loop_
_chem_comp_bond.comp_id 
_chem_comp_bond.atom_id_1 
_chem_comp_bond.atom_id_2 
_chem_comp_bond.value_order 
_chem_comp_bond.pdbx_aromatic_flag 
_chem_comp_bond.pdbx_stereo_config 
_chem_comp_bond.pdbx_ordinal 
DC OP3   P      sing N N 1   
DC OP3   HOP3   sing N N 2   
DC P     OP1    doub N N 3   
DC P     OP2    sing N N 4   
DC P     "O5'"  sing N N 5   
DC OP2   HOP2   sing N N 6   
DC "O5'" "C5'"  sing N N 7   
DC "C5'" "C4'"  sing N N 8   
DC "C5'" "H5'"  sing N N 9   
DC "C5'" "H5''" sing N N 10  
DC "C4'" "O4'"  sing N N 11  
DC "C4'" "C3'"  sing N N 12  
DC "C4'" "H4'"  sing N N 13  
DC "O4'" "C1'"  sing N N 14  
DC "C3'" "O3'"  sing N N 15  
DC "C3'" "C2'"  sing N N 16  
DC "C3'" "H3'"  sing N N 17  
DC "O3'" "HO3'" sing N N 18  
DC "C2'" "C1'"  sing N N 19  
DC "C2'" "H2'"  sing N N 20  
DC "C2'" "H2''" sing N N 21  
DC "C1'" N1     sing N N 22  
DC "C1'" "H1'"  sing N N 23  
DC N1    C2     sing N N 24  
DC N1    C6     sing N N 25  
DC C2    O2     doub N N 26  
DC C2    N3     sing N N 27  
DC N3    C4     doub N N 28  
DC C4    N4     sing N N 29  
DC C4    C5     sing N N 30  
DC N4    H41    sing N N 31  
DC N4    H42    sing N N 32  
DC C5    C6     doub N N 33  
DC C5    H5     sing N N 34  
DC C6    H6     sing N N 35  
DG OP3   P      sing N N 36  
DG OP3   HOP3   sing N N 37  
DG P     OP1    doub N N 38  
DG P     OP2    sing N N 39  
DG P     "O5'"  sing N N 40  
DG OP2   HOP2   sing N N 41  
DG "O5'" "C5'"  sing N N 42  
DG "C5'" "C4'"  sing N N 43  
DG "C5'" "H5'"  sing N N 44  
DG "C5'" "H5''" sing N N 45  
DG "C4'" "O4'"  sing N N 46  
DG "C4'" "C3'"  sing N N 47  
DG "C4'" "H4'"  sing N N 48  
DG "O4'" "C1'"  sing N N 49  
DG "C3'" "O3'"  sing N N 50  
DG "C3'" "C2'"  sing N N 51  
DG "C3'" "H3'"  sing N N 52  
DG "O3'" "HO3'" sing N N 53  
DG "C2'" "C1'"  sing N N 54  
DG "C2'" "H2'"  sing N N 55  
DG "C2'" "H2''" sing N N 56  
DG "C1'" N9     sing N N 57  
DG "C1'" "H1'"  sing N N 58  
DG N9    C8     sing Y N 59  
DG N9    C4     sing Y N 60  
DG C8    N7     doub Y N 61  
DG C8    H8     sing N N 62  
DG N7    C5     sing Y N 63  
DG C5    C6     sing N N 64  
DG C5    C4     doub Y N 65  
DG C6    O6     doub N N 66  
DG C6    N1     sing N N 67  
DG N1    C2     sing N N 68  
DG N1    H1     sing N N 69  
DG C2    N2     sing N N 70  
DG C2    N3     doub N N 71  
DG N2    H21    sing N N 72  
DG N2    H22    sing N N 73  
DG N3    C4     sing N N 74  
DT OP3   P      sing N N 75  
DT OP3   HOP3   sing N N 76  
DT P     OP1    doub N N 77  
DT P     OP2    sing N N 78  
DT P     "O5'"  sing N N 79  
DT OP2   HOP2   sing N N 80  
DT "O5'" "C5'"  sing N N 81  
DT "C5'" "C4'"  sing N N 82  
DT "C5'" "H5'"  sing N N 83  
DT "C5'" "H5''" sing N N 84  
DT "C4'" "O4'"  sing N N 85  
DT "C4'" "C3'"  sing N N 86  
DT "C4'" "H4'"  sing N N 87  
DT "O4'" "C1'"  sing N N 88  
DT "C3'" "O3'"  sing N N 89  
DT "C3'" "C2'"  sing N N 90  
DT "C3'" "H3'"  sing N N 91  
DT "O3'" "HO3'" sing N N 92  
DT "C2'" "C1'"  sing N N 93  
DT "C2'" "H2'"  sing N N 94  
DT "C2'" "H2''" sing N N 95  
DT "C1'" N1     sing N N 96  
DT "C1'" "H1'"  sing N N 97  
DT N1    C2     sing N N 98  
DT N1    C6     sing N N 99  
DT C2    O2     doub N N 100 
DT C2    N3     sing N N 101 
DT N3    C4     sing N N 102 
DT N3    H3     sing N N 103 
DT C4    O4     doub N N 104 
DT C4    C5     sing N N 105 
DT C5    C7     sing N N 106 
DT C5    C6     doub N N 107 
DT C7    H71    sing N N 108 
DT C7    H72    sing N N 109 
DT C7    H73    sing N N 110 
DT C6    H6     sing N N 111 
# 
loop_
_ndb_struct_conf_na.entry_id 
_ndb_struct_conf_na.feature 
1VTT 'z-form double helix'  
1VTT 'mismatched base pair' 
# 
loop_
_ndb_struct_na_base_pair.model_number 
_ndb_struct_na_base_pair.i_label_asym_id 
_ndb_struct_na_base_pair.i_label_comp_id 
_ndb_struct_na_base_pair.i_label_seq_id 
_ndb_struct_na_base_pair.i_symmetry 
_ndb_struct_na_base_pair.j_label_asym_id 
_ndb_struct_na_base_pair.j_label_comp_id 
_ndb_struct_na_base_pair.j_label_seq_id 
_ndb_struct_na_base_pair.j_symmetry 
_ndb_struct_na_base_pair.shear 
_ndb_struct_na_base_pair.stretch 
_ndb_struct_na_base_pair.stagger 
_ndb_struct_na_base_pair.buckle 
_ndb_struct_na_base_pair.propeller 
_ndb_struct_na_base_pair.opening 
_ndb_struct_na_base_pair.pair_number 
_ndb_struct_na_base_pair.pair_name 
_ndb_struct_na_base_pair.i_auth_asym_id 
_ndb_struct_na_base_pair.i_auth_seq_id 
_ndb_struct_na_base_pair.i_PDB_ins_code 
_ndb_struct_na_base_pair.j_auth_asym_id 
_ndb_struct_na_base_pair.j_auth_seq_id 
_ndb_struct_na_base_pair.j_PDB_ins_code 
_ndb_struct_na_base_pair.hbond_type_28 
_ndb_struct_na_base_pair.hbond_type_12 
1 A DC 1 1_555 B DG 6 1_555 -0.263 -0.201 0.087  6.163  1.418  0.730 1 A_DC1:DG6_B A 1 ? B 6 ? 19 1 
1 A DG 2 1_555 B DT 5 1_555 2.242  -0.527 0.119  -6.685 2.999  5.804 2 A_DG2:DT5_B A 2 ? B 5 ? 28 1 
1 A DC 3 1_555 B DG 4 1_555 -0.294 -0.087 0.025  2.832  -1.499 1.747 3 A_DC3:DG4_B A 3 ? B 4 ? 19 1 
1 A DG 4 1_555 B DC 3 1_555 0.216  -0.043 -0.010 -7.027 1.655  1.838 4 A_DG4:DC3_B A 4 ? B 3 ? 19 1 
1 A DT 5 1_555 B DG 2 1_555 -2.297 -0.527 0.099  3.922  7.336  2.907 5 A_DT5:DG2_B A 5 ? B 2 ? 28 1 
1 A DG 6 1_555 B DC 1 1_555 0.257  -0.114 0.195  -6.762 -4.053 0.969 6 A_DG6:DC1_B A 6 ? B 1 ? 19 1 
# 
loop_
_ndb_struct_na_base_pair_step.model_number 
_ndb_struct_na_base_pair_step.i_label_asym_id_1 
_ndb_struct_na_base_pair_step.i_label_comp_id_1 
_ndb_struct_na_base_pair_step.i_label_seq_id_1 
_ndb_struct_na_base_pair_step.i_symmetry_1 
_ndb_struct_na_base_pair_step.j_label_asym_id_1 
_ndb_struct_na_base_pair_step.j_label_comp_id_1 
_ndb_struct_na_base_pair_step.j_label_seq_id_1 
_ndb_struct_na_base_pair_step.j_symmetry_1 
_ndb_struct_na_base_pair_step.i_label_asym_id_2 
_ndb_struct_na_base_pair_step.i_label_comp_id_2 
_ndb_struct_na_base_pair_step.i_label_seq_id_2 
_ndb_struct_na_base_pair_step.i_symmetry_2 
_ndb_struct_na_base_pair_step.j_label_asym_id_2 
_ndb_struct_na_base_pair_step.j_label_comp_id_2 
_ndb_struct_na_base_pair_step.j_label_seq_id_2 
_ndb_struct_na_base_pair_step.j_symmetry_2 
_ndb_struct_na_base_pair_step.shift 
_ndb_struct_na_base_pair_step.slide 
_ndb_struct_na_base_pair_step.rise 
_ndb_struct_na_base_pair_step.tilt 
_ndb_struct_na_base_pair_step.roll 
_ndb_struct_na_base_pair_step.twist 
_ndb_struct_na_base_pair_step.x_displacement 
_ndb_struct_na_base_pair_step.y_displacement 
_ndb_struct_na_base_pair_step.helical_rise 
_ndb_struct_na_base_pair_step.inclination 
_ndb_struct_na_base_pair_step.tip 
_ndb_struct_na_base_pair_step.helical_twist 
_ndb_struct_na_base_pair_step.step_number 
_ndb_struct_na_base_pair_step.step_name 
_ndb_struct_na_base_pair_step.i_auth_asym_id_1 
_ndb_struct_na_base_pair_step.i_auth_seq_id_1 
_ndb_struct_na_base_pair_step.i_PDB_ins_code_1 
_ndb_struct_na_base_pair_step.j_auth_asym_id_1 
_ndb_struct_na_base_pair_step.j_auth_seq_id_1 
_ndb_struct_na_base_pair_step.j_PDB_ins_code_1 
_ndb_struct_na_base_pair_step.i_auth_asym_id_2 
_ndb_struct_na_base_pair_step.i_auth_seq_id_2 
_ndb_struct_na_base_pair_step.i_PDB_ins_code_2 
_ndb_struct_na_base_pair_step.j_auth_asym_id_2 
_ndb_struct_na_base_pair_step.j_auth_seq_id_2 
_ndb_struct_na_base_pair_step.j_PDB_ins_code_2 
1 A DC 1 1_555 B DG 6 1_555 A DG 2 1_555 B DT 5 1_555 0.079  5.060  3.782 2.296  0.423  -0.057  -136.650 69.767  -0.901 -16.044 
87.135 -2.335  1 AA_DC1DG2:DT5DG6_BB A 1 ? B 6 ? A 2 ? B 5 ? 
1 A DG 2 1_555 B DT 5 1_555 A DC 3 1_555 B DG 4 1_555 0.017  -0.410 3.269 -1.924 -8.875 -57.177 0.895    -0.084  3.178  9.209   
-1.996 -57.833 2 AA_DG2DC3:DG4DT5_BB A 2 ? B 5 ? A 3 ? B 4 ? 
1 A DC 3 1_555 B DG 4 1_555 A DG 4 1_555 B DC 3 1_555 -0.036 5.400  3.758 0.823  -4.538 -8.185  -17.801  2.528   5.884  28.963  
5.249  -9.393  3 AA_DC3DG4:DC3DG4_BB A 3 ? B 4 ? A 4 ? B 3 ? 
1 A DG 4 1_555 B DC 3 1_555 A DT 5 1_555 B DG 2 1_555 -0.039 -0.291 3.252 2.140  -5.600 -59.315 0.571    0.067   3.215  5.643   
2.157  -59.590 4 AA_DG4DT5:DG2DC3_BB A 4 ? B 3 ? A 5 ? B 2 ? 
1 A DT 5 1_555 B DG 2 1_555 A DG 6 1_555 B DC 1 1_555 -0.103 5.038  3.785 -5.999 -0.625 0.127   51.197   -30.905 -0.339 -9.196  
88.322 6.032   5 AA_DT5DG6:DC1DG2_BB A 5 ? B 2 ? A 6 ? B 1 ? 
# 
_atom_sites.entry_id                    1VTT 
_atom_sites.fract_transf_matrix[1][1]   0.01760380 
_atom_sites.fract_transf_matrix[1][2]   0.03821336 
_atom_sites.fract_transf_matrix[1][3]   -0.03890935 
_atom_sites.fract_transf_matrix[2][1]   0.00916410 
_atom_sites.fract_transf_matrix[2][2]   -0.02355768 
_atom_sites.fract_transf_matrix[2][3]   -0.01899017 
_atom_sites.fract_transf_matrix[3][1]   -0.01989530 
_atom_sites.fract_transf_matrix[3][2]   -0.00026979 
_atom_sites.fract_transf_matrix[3][3]   -0.00926622 
_atom_sites.fract_transf_vector[1]      0.778397 
_atom_sites.fract_transf_vector[2]      0.500274 
_atom_sites.fract_transf_vector[3]      0.628537 
# 
loop_
_atom_type.symbol 
C 
N 
O 
P 
# 
loop_
_atom_site.group_PDB 
_atom_site.id 
_atom_site.type_symbol 
_atom_site.label_atom_id 
_atom_site.label_alt_id 
_atom_site.label_comp_id 
_atom_site.label_asym_id 
_atom_site.label_entity_id 
_atom_site.label_seq_id 
_atom_site.pdbx_PDB_ins_code 
_atom_site.Cartn_x 
_atom_site.Cartn_y 
_atom_site.Cartn_z 
_atom_site.occupancy 
_atom_site.B_iso_or_equiv 
_atom_site.pdbx_formal_charge 
_atom_site.auth_seq_id 
_atom_site.auth_comp_id 
_atom_site.auth_asym_id 
_atom_site.auth_atom_id 
_atom_site.pdbx_PDB_model_num 
ATOM 1   O "O5'" . DC A 1 1 ? 11.109  2.266  -0.952 1.00 9.08  ? 1 DC A "O5'" 1 
ATOM 2   C "C5'" . DC A 1 1 ? 9.817   2.974  -1.162 1.00 9.62  ? 1 DC A "C5'" 1 
ATOM 3   C "C4'" . DC A 1 1 ? 9.085   3.107  0.262  1.00 8.33  ? 1 DC A "C4'" 1 
ATOM 4   O "O4'" . DC A 1 1 ? 8.472   1.842  0.500  1.00 9.56  ? 1 DC A "O4'" 1 
ATOM 5   C "C3'" . DC A 1 1 ? 10.062  3.409  1.518  1.00 9.20  ? 1 DC A "C3'" 1 
ATOM 6   O "O3'" . DC A 1 1 ? 9.432   4.268  2.443  1.00 11.04 ? 1 DC A "O3'" 1 
ATOM 7   C "C2'" . DC A 1 1 ? 10.318  1.995  2.184  1.00 8.92  ? 1 DC A "C2'" 1 
ATOM 8   C "C1'" . DC A 1 1 ? 8.901   1.317  1.783  1.00 8.80  ? 1 DC A "C1'" 1 
ATOM 9   N N1    . DC A 1 1 ? 9.213   -0.111 1.580  1.00 9.16  ? 1 DC A N1    1 
ATOM 10  C C2    . DC A 1 1 ? 8.931   -0.967 2.752  1.00 9.02  ? 1 DC A C2    1 
ATOM 11  O O2    . DC A 1 1 ? 8.604   -0.430 3.762  1.00 10.13 ? 1 DC A O2    1 
ATOM 12  N N3    . DC A 1 1 ? 9.141   -2.258 2.561  1.00 8.44  ? 1 DC A N3    1 
ATOM 13  C C4    . DC A 1 1 ? 9.585   -2.856 1.414  1.00 8.11  ? 1 DC A C4    1 
ATOM 14  N N4    . DC A 1 1 ? 9.894   -4.157 1.317  1.00 9.17  ? 1 DC A N4    1 
ATOM 15  C C5    . DC A 1 1 ? 9.827   -1.967 0.243  1.00 9.40  ? 1 DC A C5    1 
ATOM 16  C C6    . DC A 1 1 ? 9.535   -0.671 0.419  1.00 8.86  ? 1 DC A C6    1 
ATOM 17  P P     . DG A 1 2 ? 9.514   5.870  2.491  1.00 12.41 ? 2 DG A P     1 
ATOM 18  O OP1   . DG A 1 2 ? 10.887  6.248  2.213  1.00 13.33 ? 2 DG A OP1   1 
ATOM 19  O OP2   . DG A 1 2 ? 8.996   6.176  3.717  1.00 15.52 ? 2 DG A OP2   1 
ATOM 20  O "O5'" . DG A 1 2 ? 8.534   6.317  1.325  1.00 10.03 ? 2 DG A "O5'" 1 
ATOM 21  C "C5'" . DG A 1 2 ? 7.196   6.181  1.320  1.00 8.08  ? 2 DG A "C5'" 1 
ATOM 22  C "C4'" . DG A 1 2 ? 6.748   6.447  -0.074 1.00 8.14  ? 2 DG A "C4'" 1 
ATOM 23  O "O4'" . DG A 1 2 ? 7.274   5.618  -1.003 1.00 8.11  ? 2 DG A "O4'" 1 
ATOM 24  C "C3'" . DG A 1 2 ? 5.147   6.276  -0.362 1.00 9.58  ? 2 DG A "C3'" 1 
ATOM 25  O "O3'" . DG A 1 2 ? 4.431   7.471  0.095  1.00 10.71 ? 2 DG A "O3'" 1 
ATOM 26  C "C2'" . DG A 1 2 ? 4.914   5.891  -1.756 1.00 9.24  ? 2 DG A "C2'" 1 
ATOM 27  C "C1'" . DG A 1 2 ? 6.262   5.288  -2.064 1.00 9.14  ? 2 DG A "C1'" 1 
ATOM 28  N N9    . DG A 1 2 ? 6.336   3.820  -2.255 1.00 9.79  ? 2 DG A N9    1 
ATOM 29  C C8    . DG A 1 2 ? 6.766   3.131  -3.296 1.00 10.26 ? 2 DG A C8    1 
ATOM 30  N N7    . DG A 1 2 ? 6.823   1.793  -3.119 1.00 9.48  ? 2 DG A N7    1 
ATOM 31  C C5    . DG A 1 2 ? 6.296   1.640  -1.814 1.00 9.57  ? 2 DG A C5    1 
ATOM 32  C C6    . DG A 1 2 ? 6.076   0.474  -0.940 1.00 8.85  ? 2 DG A C6    1 
ATOM 33  O O6    . DG A 1 2 ? 6.343   -0.646 -1.365 1.00 8.69  ? 2 DG A O6    1 
ATOM 34  N N1    . DG A 1 2 ? 5.738   0.739  0.265  1.00 7.00  ? 2 DG A N1    1 
ATOM 35  C C2    . DG A 1 2 ? 5.468   1.908  0.803  1.00 7.62  ? 2 DG A C2    1 
ATOM 36  N N2    . DG A 1 2 ? 5.109   2.145  1.948  1.00 8.13  ? 2 DG A N2    1 
ATOM 37  N N3    . DG A 1 2 ? 5.650   3.067  0.070  1.00 8.34  ? 2 DG A N3    1 
ATOM 38  C C4    . DG A 1 2 ? 6.026   2.836  -1.225 1.00 9.23  ? 2 DG A C4    1 
ATOM 39  P P     . DC A 1 3 ? 3.308   7.557  1.227  1.00 11.76 ? 3 DC A P     1 
ATOM 40  O OP1   . DC A 1 3 ? 2.759   8.922  1.197  1.00 11.96 ? 3 DC A OP1   1 
ATOM 41  O OP2   . DC A 1 3 ? 3.830   7.056  2.472  1.00 12.23 ? 3 DC A OP2   1 
ATOM 42  O "O5'" . DC A 1 3 ? 2.250   6.589  0.618  1.00 9.26  ? 3 DC A "O5'" 1 
ATOM 43  C "C5'" . DC A 1 3 ? 0.838   6.655  0.944  1.00 7.68  ? 3 DC A "C5'" 1 
ATOM 44  C "C4'" . DC A 1 3 ? 0.372   5.302  1.565  1.00 7.10  ? 3 DC A "C4'" 1 
ATOM 45  O "O4'" . DC A 1 3 ? 0.281   4.289  0.531  1.00 6.19  ? 3 DC A "O4'" 1 
ATOM 46  C "C3'" . DC A 1 3 ? 1.327   4.755  2.694  1.00 7.34  ? 3 DC A "C3'" 1 
ATOM 47  O "O3'" . DC A 1 3 ? 0.432   4.262  3.745  1.00 8.35  ? 3 DC A "O3'" 1 
ATOM 48  C "C2'" . DC A 1 3 ? 2.195   3.714  2.020  1.00 6.61  ? 3 DC A "C2'" 1 
ATOM 49  C "C1'" . DC A 1 3 ? 0.955   3.156  1.010  1.00 6.75  ? 3 DC A "C1'" 1 
ATOM 50  N N1    . DC A 1 3 ? 1.639   2.485  -0.101 1.00 6.29  ? 3 DC A N1    1 
ATOM 51  C C2    . DC A 1 3 ? 1.871   1.143  -0.123 1.00 6.34  ? 3 DC A C2    1 
ATOM 52  O O2    . DC A 1 3 ? 1.503   0.461  0.854  1.00 7.33  ? 3 DC A O2    1 
ATOM 53  N N3    . DC A 1 3 ? 2.506   0.541  -1.132 1.00 7.04  ? 3 DC A N3    1 
ATOM 54  C C4    . DC A 1 3 ? 2.890   1.328  -2.260 1.00 6.95  ? 3 DC A C4    1 
ATOM 55  N N4    . DC A 1 3 ? 3.510   0.675  -3.249 1.00 6.89  ? 3 DC A N4    1 
ATOM 56  C C5    . DC A 1 3 ? 2.723   2.777  -2.190 1.00 7.27  ? 3 DC A C5    1 
ATOM 57  C C6    . DC A 1 3 ? 2.007   3.272  -1.172 1.00 7.25  ? 3 DC A C6    1 
ATOM 58  P P     . DG A 1 4 ? -0.133  5.026  5.004  1.00 9.89  ? 4 DG A P     1 
ATOM 59  O OP1   . DG A 1 4 ? 0.839   5.907  5.521  1.00 10.43 ? 4 DG A OP1   1 
ATOM 60  O OP2   . DG A 1 4 ? -0.559  4.004  5.877  1.00 11.36 ? 4 DG A OP2   1 
ATOM 61  O "O5'" . DG A 1 4 ? -1.404  5.853  4.509  1.00 8.75  ? 4 DG A "O5'" 1 
ATOM 62  C "C5'" . DG A 1 4 ? -2.491  5.317  3.942  1.00 6.36  ? 4 DG A "C5'" 1 
ATOM 63  C "C4'" . DG A 1 4 ? -3.387  6.310  3.486  1.00 6.73  ? 4 DG A "C4'" 1 
ATOM 64  O "O4'" . DG A 1 4 ? -2.715  7.011  2.355  1.00 7.43  ? 4 DG A "O4'" 1 
ATOM 65  C "C3'" . DG A 1 4 ? -4.722  5.758  2.681  1.00 6.80  ? 4 DG A "C3'" 1 
ATOM 66  O "O3'" . DG A 1 4 ? -5.737  5.710  3.747  1.00 8.44  ? 4 DG A "O3'" 1 
ATOM 67  C "C2'" . DG A 1 4 ? -5.050  6.670  1.625  1.00 6.58  ? 4 DG A "C2'" 1 
ATOM 68  C "C1'" . DG A 1 4 ? -3.737  7.262  1.295  1.00 7.15  ? 4 DG A "C1'" 1 
ATOM 69  N N9    . DG A 1 4 ? -3.076  6.815  0.100  1.00 7.11  ? 4 DG A N9    1 
ATOM 70  C C8    . DG A 1 4 ? -2.609  7.653  -0.863 1.00 7.22  ? 4 DG A C8    1 
ATOM 71  N N7    . DG A 1 4 ? -1.945  7.020  -1.887 1.00 6.66  ? 4 DG A N7    1 
ATOM 72  C C5    . DG A 1 4 ? -2.111  5.685  -1.526 1.00 6.82  ? 4 DG A C5    1 
ATOM 73  C C6    . DG A 1 4 ? -1.690  4.498  -2.175 1.00 6.94  ? 4 DG A C6    1 
ATOM 74  O O6    . DG A 1 4 ? -1.054  4.477  -3.248 1.00 7.33  ? 4 DG A O6    1 
ATOM 75  N N1    . DG A 1 4 ? -1.916  3.292  -1.508 1.00 5.63  ? 4 DG A N1    1 
ATOM 76  C C2    . DG A 1 4 ? -2.529  3.302  -0.303 1.00 6.00  ? 4 DG A C2    1 
ATOM 77  N N2    . DG A 1 4 ? -2.716  2.143  0.269  1.00 6.83  ? 4 DG A N2    1 
ATOM 78  N N3    . DG A 1 4 ? -3.031  4.378  0.286  1.00 5.58  ? 4 DG A N3    1 
ATOM 79  C C4    . DG A 1 4 ? -2.730  5.508  -0.322 1.00 6.31  ? 4 DG A C4    1 
ATOM 80  P P     . DT A 1 5 ? -6.467  4.335  4.164  1.00 8.92  ? 5 DT A P     1 
ATOM 81  O OP1   . DT A 1 5 ? -7.417  4.645  5.184  1.00 11.82 ? 5 DT A OP1   1 
ATOM 82  O OP2   . DT A 1 5 ? -5.448  3.451  4.450  1.00 11.17 ? 5 DT A OP2   1 
ATOM 83  O "O5'" . DT A 1 5 ? -7.221  3.938  2.859  1.00 7.66  ? 5 DT A "O5'" 1 
ATOM 84  C "C5'" . DT A 1 5 ? -8.431  3.160  2.828  1.00 5.66  ? 5 DT A "C5'" 1 
ATOM 85  C "C4'" . DT A 1 5 ? -8.377  2.097  1.816  1.00 5.06  ? 5 DT A "C4'" 1 
ATOM 86  O "O4'" . DT A 1 5 ? -8.262  2.609  0.457  1.00 5.19  ? 5 DT A "O4'" 1 
ATOM 87  C "C3'" . DT A 1 5 ? -7.079  1.148  1.935  1.00 4.41  ? 5 DT A "C3'" 1 
ATOM 88  O "O3'" . DT A 1 5 ? -7.435  -0.159 1.616  1.00 7.28  ? 5 DT A "O3'" 1 
ATOM 89  C "C2'" . DT A 1 5 ? -6.076  1.684  0.895  1.00 3.91  ? 5 DT A "C2'" 1 
ATOM 90  C "C1'" . DT A 1 5 ? -7.166  2.054  -0.243 1.00 4.20  ? 5 DT A "C1'" 1 
ATOM 91  N N1    . DT A 1 5 ? -6.626  3.194  -1.033 1.00 4.47  ? 5 DT A N1    1 
ATOM 92  C C2    . DT A 1 5 ? -5.766  2.784  -2.028 1.00 5.55  ? 5 DT A C2    1 
ATOM 93  O O2    . DT A 1 5 ? -5.495  1.611  -2.237 1.00 6.48  ? 5 DT A O2    1 
ATOM 94  N N3    . DT A 1 5 ? -5.300  3.820  -2.882 1.00 4.51  ? 5 DT A N3    1 
ATOM 95  C C4    . DT A 1 5 ? -5.653  5.155  -2.727 1.00 4.50  ? 5 DT A C4    1 
ATOM 96  O O4    . DT A 1 5 ? -5.121  5.956  -3.542 1.00 6.49  ? 5 DT A O4    1 
ATOM 97  C C5    . DT A 1 5 ? -6.507  5.518  -1.655 1.00 4.85  ? 5 DT A C5    1 
ATOM 98  C C7    . DT A 1 5 ? -6.996  6.958  -1.476 1.00 5.54  ? 5 DT A C7    1 
ATOM 99  C C6    . DT A 1 5 ? -6.982  4.536  -0.843 1.00 4.00  ? 5 DT A C6    1 
ATOM 100 P P     . DG A 1 6 ? -7.888  -1.325 2.675  1.00 6.37  ? 6 DG A P     1 
ATOM 101 O OP1   . DG A 1 6 ? -6.885  -1.277 3.684  1.00 6.87  ? 6 DG A OP1   1 
ATOM 102 O OP2   . DG A 1 6 ? -8.148  -2.481 1.912  1.00 6.61  ? 6 DG A OP2   1 
ATOM 103 O "O5'" . DG A 1 6 ? -9.209  -0.724 3.349  1.00 6.04  ? 6 DG A "O5'" 1 
ATOM 104 C "C5'" . DG A 1 6 ? -10.451 -1.006 2.778  1.00 5.43  ? 6 DG A "C5'" 1 
ATOM 105 C "C4'" . DG A 1 6 ? -11.541 -0.294 3.624  1.00 6.18  ? 6 DG A "C4'" 1 
ATOM 106 O "O4'" . DG A 1 6 ? -11.435 1.130  3.475  1.00 6.88  ? 6 DG A "O4'" 1 
ATOM 107 C "C3'" . DG A 1 6 ? -12.976 -0.652 3.151  1.00 7.84  ? 6 DG A "C3'" 1 
ATOM 108 O "O3'" . DG A 1 6 ? -13.833 -0.619 4.407  1.00 8.75  ? 6 DG A "O3'" 1 
ATOM 109 C "C2'" . DG A 1 6 ? -13.319 0.397  2.233  1.00 6.90  ? 6 DG A "C2'" 1 
ATOM 110 C "C1'" . DG A 1 6 ? -12.625 1.607  2.834  1.00 5.88  ? 6 DG A "C1'" 1 
ATOM 111 N N9    . DG A 1 6 ? -12.155 2.587  1.856  1.00 4.82  ? 6 DG A N9    1 
ATOM 112 C C8    . DG A 1 6 ? -12.195 3.938  2.029  1.00 6.21  ? 6 DG A C8    1 
ATOM 113 N N7    . DG A 1 6 ? -11.686 4.640  1.011  1.00 6.52  ? 6 DG A N7    1 
ATOM 114 C C5    . DG A 1 6 ? -11.280 3.645  0.139  1.00 5.67  ? 6 DG A C5    1 
ATOM 115 C C6    . DG A 1 6 ? -10.562 3.731  -1.135 1.00 5.36  ? 6 DG A C6    1 
ATOM 116 O O6    . DG A 1 6 ? -10.280 4.814  -1.635 1.00 6.67  ? 6 DG A O6    1 
ATOM 117 N N1    . DG A 1 6 ? -10.318 2.539  -1.720 1.00 5.30  ? 6 DG A N1    1 
ATOM 118 C C2    . DG A 1 6 ? -10.615 1.344  -1.136 1.00 5.42  ? 6 DG A C2    1 
ATOM 119 N N2    . DG A 1 6 ? -10.249 0.276  -1.728 1.00 6.12  ? 6 DG A N2    1 
ATOM 120 N N3    . DG A 1 6 ? -11.194 1.262  0.041  1.00 5.08  ? 6 DG A N3    1 
ATOM 121 C C4    . DG A 1 6 ? -11.499 2.390  0.632  1.00 4.93  ? 6 DG A C4    1 
ATOM 122 O "O5'" . DC B 1 1 ? -6.167  1.275  -9.538 1.00 10.48 ? 1 DC B "O5'" 1 
ATOM 123 C "C5'" . DC B 1 1 ? -4.989  0.470  -9.181 1.00 8.45  ? 1 DC B "C5'" 1 
ATOM 124 C "C4'" . DC B 1 1 ? -5.515  -0.492 -8.064 1.00 6.33  ? 1 DC B "C4'" 1 
ATOM 125 O "O4'" . DC B 1 1 ? -5.547  0.321  -6.842 1.00 6.07  ? 1 DC B "O4'" 1 
ATOM 126 C "C3'" . DC B 1 1 ? -6.971  -1.184 -8.201 1.00 6.47  ? 1 DC B "C3'" 1 
ATOM 127 O "O3'" . DC B 1 1 ? -6.871  -2.447 -7.574 1.00 6.26  ? 1 DC B "O3'" 1 
ATOM 128 C "C2'" . DC B 1 1 ? -7.911  -0.279 -7.455 1.00 4.02  ? 1 DC B "C2'" 1 
ATOM 129 C "C1'" . DC B 1 1 ? -6.927  0.198  -6.343 1.00 5.96  ? 1 DC B "C1'" 1 
ATOM 130 N N1    . DC B 1 1 ? -7.358  1.477  -5.717 1.00 5.91  ? 1 DC B N1    1 
ATOM 131 C C2    . DC B 1 1 ? -8.148  1.483  -4.551 1.00 6.83  ? 1 DC B C2    1 
ATOM 132 O O2    . DC B 1 1 ? -8.477  0.441  -4.043 1.00 7.17  ? 1 DC B O2    1 
ATOM 133 N N3    . DC B 1 1 ? -8.522  2.670  -4.072 1.00 4.83  ? 1 DC B N3    1 
ATOM 134 C C4    . DC B 1 1 ? -8.259  3.897  -4.689 1.00 7.20  ? 1 DC B C4    1 
ATOM 135 N N4    . DC B 1 1 ? -8.694  5.045  -4.072 1.00 7.14  ? 1 DC B N4    1 
ATOM 136 C C5    . DC B 1 1 ? -7.492  3.890  -5.917 1.00 6.97  ? 1 DC B C5    1 
ATOM 137 C C6    . DC B 1 1 ? -7.050  2.713  -6.315 1.00 6.74  ? 1 DC B C6    1 
ATOM 138 P P     . DG B 1 2 ? -6.443  -3.793 -8.342 1.00 7.60  ? 2 DG B P     1 
ATOM 139 O OP1   . DG B 1 2 ? -7.098  -3.847 -9.571 1.00 8.69  ? 2 DG B OP1   1 
ATOM 140 O OP2   . DG B 1 2 ? -6.793  -4.870 -7.360 1.00 9.18  ? 2 DG B OP2   1 
ATOM 141 O "O5'" . DG B 1 2 ? -4.866  -3.720 -8.566 1.00 5.93  ? 2 DG B "O5'" 1 
ATOM 142 C "C5'" . DG B 1 2 ? -3.943  -3.747 -7.534 1.00 4.18  ? 2 DG B "C5'" 1 
ATOM 143 C "C4'" . DG B 1 2 ? -2.614  -3.550 -8.050 1.00 5.27  ? 2 DG B "C4'" 1 
ATOM 144 O "O4'" . DG B 1 2 ? -2.461  -2.230 -8.641 1.00 4.49  ? 2 DG B "O4'" 1 
ATOM 145 C "C3'" . DG B 1 2 ? -1.422  -3.583 -6.957 1.00 5.59  ? 2 DG B "C3'" 1 
ATOM 146 O "O3'" . DG B 1 2 ? -0.955  -4.925 -6.945 1.00 5.55  ? 2 DG B "O3'" 1 
ATOM 147 C "C2'" . DG B 1 2 ? -0.484  -2.515 -7.352 1.00 4.49  ? 2 DG B "C2'" 1 
ATOM 148 C "C1'" . DG B 1 2 ? -1.283  -1.576 -8.163 1.00 4.73  ? 2 DG B "C1'" 1 
ATOM 149 N N9    . DG B 1 2 ? -1.659  -0.300 -7.562 1.00 4.51  ? 2 DG B N9    1 
ATOM 150 C C8    . DG B 1 2 ? -1.325  0.952  -8.013 1.00 5.95  ? 2 DG B C8    1 
ATOM 151 N N7    . DG B 1 2 ? -1.848  1.923  -7.265 1.00 6.15  ? 2 DG B N7    1 
ATOM 152 C C5    . DG B 1 2 ? -2.571  1.242  -6.256 1.00 4.31  ? 2 DG B C5    1 
ATOM 153 C C6    . DG B 1 2 ? -3.304  1.718  -5.143 1.00 5.11  ? 2 DG B C6    1 
ATOM 154 O O6    . DG B 1 2 ? -3.537  2.916  -4.880 1.00 5.56  ? 2 DG B O6    1 
ATOM 155 N N1    . DG B 1 2 ? -3.849  0.775  -4.365 1.00 4.42  ? 2 DG B N1    1 
ATOM 156 C C2    . DG B 1 2 ? -3.715  -0.584 -4.599 1.00 4.77  ? 2 DG B C2    1 
ATOM 157 N N2    . DG B 1 2 ? -4.350  -1.436 -3.862 1.00 4.57  ? 2 DG B N2    1 
ATOM 158 N N3    . DG B 1 2 ? -2.985  -1.059 -5.629 1.00 4.52  ? 2 DG B N3    1 
ATOM 159 C C4    . DG B 1 2 ? -2.430  -0.070 -6.450 1.00 4.79  ? 2 DG B C4    1 
ATOM 160 P P     . DC B 1 3 ? 0.083   -5.491 -5.995 1.00 7.46  ? 3 DC B P     1 
ATOM 161 O OP1   . DC B 1 3 ? 1.306   -4.701 -6.107 1.00 11.66 ? 3 DC B OP1   1 
ATOM 162 O OP2   . DC B 1 3 ? 0.334   -6.871 -6.280 1.00 9.67  ? 3 DC B OP2   1 
ATOM 163 O "O5'" . DC B 1 3 ? -0.456  -5.195 -4.517 1.00 6.52  ? 3 DC B "O5'" 1 
ATOM 164 C "C5'" . DC B 1 3 ? 0.318   -5.693 -3.406 1.00 5.99  ? 3 DC B "C5'" 1 
ATOM 165 C "C4'" . DC B 1 3 ? -0.204  -4.996 -2.115 1.00 4.95  ? 3 DC B "C4'" 1 
ATOM 166 O "O4'" . DC B 1 3 ? 0.385   -3.632 -2.089 1.00 5.78  ? 3 DC B "O4'" 1 
ATOM 167 C "C3'" . DC B 1 3 ? -1.787  -4.866 -2.059 1.00 5.76  ? 3 DC B "C3'" 1 
ATOM 168 O "O3'" . DC B 1 3 ? -2.119  -5.126 -0.641 1.00 7.27  ? 3 DC B "O3'" 1 
ATOM 169 C "C2'" . DC B 1 3 ? -2.057  -3.416 -2.361 1.00 4.75  ? 3 DC B "C2'" 1 
ATOM 170 C "C1'" . DC B 1 3 ? -0.728  -2.747 -1.824 1.00 5.28  ? 3 DC B "C1'" 1 
ATOM 171 N N1    . DC B 1 3 ? -0.447  -1.496 -2.527 1.00 4.98  ? 3 DC B N1    1 
ATOM 172 C C2    . DC B 1 3 ? -0.984  -0.341 -1.979 1.00 6.43  ? 3 DC B C2    1 
ATOM 173 O O2    . DC B 1 3 ? -1.705  -0.324 -0.973 1.00 6.85  ? 3 DC B O2    1 
ATOM 174 N N3    . DC B 1 3 ? -0.803  0.879  -2.703 1.00 4.83  ? 3 DC B N3    1 
ATOM 175 C C4    . DC B 1 3 ? -0.017  0.831  -3.845 1.00 6.42  ? 3 DC B C4    1 
ATOM 176 N N4    . DC B 1 3 ? 0.168   2.050  -4.421 1.00 6.85  ? 3 DC B N4    1 
ATOM 177 C C5    . DC B 1 3 ? 0.529   -0.340 -4.380 1.00 5.09  ? 3 DC B C5    1 
ATOM 178 C C6    . DC B 1 3 ? 0.356   -1.477 -3.681 1.00 5.29  ? 3 DC B C6    1 
ATOM 179 P P     . DG B 1 4 ? -2.459  -6.547 -0.020 1.00 7.57  ? 4 DG B P     1 
ATOM 180 O OP1   . DG B 1 4 ? -3.249  -7.170 -0.902 1.00 7.64  ? 4 DG B OP1   1 
ATOM 181 O OP2   . DG B 1 4 ? -2.995  -6.108 1.248  1.00 8.63  ? 4 DG B OP2   1 
ATOM 182 O "O5'" . DG B 1 4 ? -1.128  -7.318 0.103  1.00 6.85  ? 4 DG B "O5'" 1 
ATOM 183 C "C5'" . DG B 1 4 ? -0.203  -6.862 1.080  1.00 5.36  ? 4 DG B "C5'" 1 
ATOM 184 C "C4'" . DG B 1 4 ? 1.075   -7.664 0.825  1.00 6.60  ? 4 DG B "C4'" 1 
ATOM 185 O "O4'" . DG B 1 4 ? 1.646   -7.586 -0.450 1.00 6.20  ? 4 DG B "O4'" 1 
ATOM 186 C "C3'" . DG B 1 4 ? 2.277   -7.185 1.785  1.00 7.00  ? 4 DG B "C3'" 1 
ATOM 187 O "O3'" . DG B 1 4 ? 2.160   -7.929 3.064  1.00 8.37  ? 4 DG B "O3'" 1 
ATOM 188 C "C2'" . DG B 1 4 ? 3.510   -7.351 1.070  1.00 6.80  ? 4 DG B "C2'" 1 
ATOM 189 C "C1'" . DG B 1 4 ? 3.145   -7.504 -0.384 1.00 7.79  ? 4 DG B "C1'" 1 
ATOM 190 N N9    . DG B 1 4 ? 3.515   -6.324 -1.211 1.00 6.26  ? 4 DG B N9    1 
ATOM 191 C C8    . DG B 1 4 ? 4.016   -6.388 -2.439 1.00 7.94  ? 4 DG B C8    1 
ATOM 192 N N7    . DG B 1 4 ? 4.179   -5.202 -3.024 1.00 7.73  ? 4 DG B N7    1 
ATOM 193 C C5    . DG B 1 4 ? 3.752   -4.343 -2.080 1.00 7.82  ? 4 DG B C5    1 
ATOM 194 C C6    . DG B 1 4 ? 3.549   -2.899 -2.090 1.00 7.09  ? 4 DG B C6    1 
ATOM 195 O O6    . DG B 1 4 ? 3.844   -2.239 -3.120 1.00 7.74  ? 4 DG B O6    1 
ATOM 196 N N1    . DG B 1 4 ? 2.903   -2.351 -1.057 1.00 5.40  ? 4 DG B N1    1 
ATOM 197 C C2    . DG B 1 4 ? 2.466   -3.079 0.058  1.00 6.63  ? 4 DG B C2    1 
ATOM 198 N N2    . DG B 1 4 ? 1.961   -2.456 1.038  1.00 6.65  ? 4 DG B N2    1 
ATOM 199 N N3    . DG B 1 4 ? 2.671   -4.391 0.101  1.00 6.29  ? 4 DG B N3    1 
ATOM 200 C C4    . DG B 1 4 ? 3.253   -4.996 -0.943 1.00 6.78  ? 4 DG B C4    1 
ATOM 201 P P     . DT B 1 5 ? 2.215   -7.194 4.438  1.00 8.47  ? 5 DT B P     1 
ATOM 202 O OP1   . DT B 1 5 ? 2.083   -8.268 5.428  1.00 10.94 ? 5 DT B OP1   1 
ATOM 203 O OP2   . DT B 1 5 ? 1.223   -6.127 4.554  1.00 8.62  ? 5 DT B OP2   1 
ATOM 204 O "O5'" . DT B 1 5 ? 3.672   -6.752 4.470  1.00 7.92  ? 5 DT B "O5'" 1 
ATOM 205 C "C5'" . DT B 1 5 ? 4.422   -6.306 5.657  1.00 7.68  ? 5 DT B "C5'" 1 
ATOM 206 C "C4'" . DT B 1 5 ? 4.798   -4.885 5.687  1.00 6.87  ? 5 DT B "C4'" 1 
ATOM 207 O "O4'" . DT B 1 5 ? 5.839   -4.557 4.619  1.00 7.97  ? 5 DT B "O4'" 1 
ATOM 208 C "C3'" . DT B 1 5 ? 3.590   -3.889 5.252  1.00 7.78  ? 5 DT B "C3'" 1 
ATOM 209 O "O3'" . DT B 1 5 ? 3.802   -2.698 6.197  1.00 9.97  ? 5 DT B "O3'" 1 
ATOM 210 C "C2'" . DT B 1 5 ? 3.805   -3.530 3.798  1.00 5.17  ? 5 DT B "C2'" 1 
ATOM 211 C "C1'" . DT B 1 5 ? 5.440   -3.540 3.816  1.00 7.09  ? 5 DT B "C1'" 1 
ATOM 212 N N1    . DT B 1 5 ? 5.917   -3.850 2.460  1.00 7.70  ? 5 DT B N1    1 
ATOM 213 C C2    . DT B 1 5 ? 5.955   -2.682 1.612  1.00 8.01  ? 5 DT B C2    1 
ATOM 214 O O2    . DT B 1 5 ? 5.646   -1.560 1.952  1.00 6.95  ? 5 DT B O2    1 
ATOM 215 N N3    . DT B 1 5 ? 6.285   -2.941 0.313  1.00 6.82  ? 5 DT B N3    1 
ATOM 216 C C4    . DT B 1 5 ? 6.774   -4.165 -0.198 1.00 8.01  ? 5 DT B C4    1 
ATOM 217 O O4    . DT B 1 5 ? 7.148   -4.238 -1.403 1.00 9.23  ? 5 DT B O4    1 
ATOM 218 C C5    . DT B 1 5 ? 6.663   -5.350 0.693  1.00 7.95  ? 5 DT B C5    1 
ATOM 219 C C7    . DT B 1 5 ? 7.068   -6.726 0.203  1.00 8.56  ? 5 DT B C7    1 
ATOM 220 C C6    . DT B 1 5 ? 6.267   -5.092 1.966  1.00 6.43  ? 5 DT B C6    1 
ATOM 221 P P     . DG B 1 6 ? 3.098   -2.523 7.585  1.00 10.32 ? 6 DG B P     1 
ATOM 222 O OP1   . DG B 1 6 ? 1.775   -2.828 7.356  1.00 9.16  ? 6 DG B OP1   1 
ATOM 223 O OP2   . DG B 1 6 ? 3.601   -1.217 8.159  1.00 12.00 ? 6 DG B OP2   1 
ATOM 224 O "O5'" . DG B 1 6 ? 3.670   -3.706 8.594  1.00 9.99  ? 6 DG B "O5'" 1 
ATOM 225 C "C5'" . DG B 1 6 ? 4.934   -3.433 9.188  1.00 9.39  ? 6 DG B "C5'" 1 
ATOM 226 C "C4'" . DG B 1 6 ? 5.313   -4.697 9.860  1.00 8.27  ? 6 DG B "C4'" 1 
ATOM 227 O "O4'" . DG B 1 6 ? 5.616   -5.754 8.945  1.00 7.83  ? 6 DG B "O4'" 1 
ATOM 228 C "C3'" . DG B 1 6 ? 6.634   -4.528 10.817 1.00 10.55 ? 6 DG B "C3'" 1 
ATOM 229 O "O3'" . DG B 1 6 ? 6.492   -5.538 11.940 1.00 12.49 ? 6 DG B "O3'" 1 
ATOM 230 C "C2'" . DG B 1 6 ? 7.779   -5.090 10.125 1.00 9.79  ? 6 DG B "C2'" 1 
ATOM 231 C "C1'" . DG B 1 6 ? 7.022   -6.080 9.208  1.00 8.99  ? 6 DG B "C1'" 1 
ATOM 232 N N9    . DG B 1 6 ? 7.644   -6.275 7.959  1.00 9.79  ? 6 DG B N9    1 
ATOM 233 C C8    . DG B 1 6 ? 7.950   -7.401 7.324  1.00 10.67 ? 6 DG B C8    1 
ATOM 234 N N7    . DG B 1 6 ? 8.451   -7.314 6.109  1.00 11.14 ? 6 DG B N7    1 
ATOM 235 C C5    . DG B 1 6 ? 8.426   -5.948 5.913  1.00 10.07 ? 6 DG B C5    1 
ATOM 236 C C6    . DG B 1 6 ? 8.821   -5.160 4.755  1.00 9.70  ? 6 DG B C6    1 
ATOM 237 O O6    . DG B 1 6 ? 9.223   -5.665 3.695  1.00 10.36 ? 6 DG B O6    1 
ATOM 238 N N1    . DG B 1 6 ? 8.671   -3.861 4.965  1.00 9.52  ? 6 DG B N1    1 
ATOM 239 C C2    . DG B 1 6 ? 8.218   -3.220 6.004  1.00 9.54  ? 6 DG B C2    1 
ATOM 240 N N2    . DG B 1 6 ? 8.063   -2.010 6.089  1.00 10.60 ? 6 DG B N2    1 
ATOM 241 N N3    . DG B 1 6 ? 7.761   -3.926 7.117  1.00 9.28  ? 6 DG B N3    1 
ATOM 242 C C4    . DG B 1 6 ? 8.004   -5.236 6.984  1.00 9.85  ? 6 DG B C4    1 
# 
